data_7NZJ
#
_entry.id   7NZJ
#
_cell.length_a   42.620
_cell.length_b   103.680
_cell.length_c   103.690
_cell.angle_alpha   118.120
_cell.angle_beta   97.910
_cell.angle_gamma   97.840
#
_symmetry.space_group_name_H-M   'P 1'
#
loop_
_entity.id
_entity.type
_entity.pdbx_description
1 polymer 'tRNA (guanine-N(7)-)-methyltransferase'
2 non-polymer 'SODIUM ION'
3 non-polymer GLYCEROL
4 water water
#
_entity_poly.entity_id   1
_entity_poly.type   'polypeptide(L)'
_entity_poly.pdbx_seq_one_letter_code
;MRMRHKPWADDFLAENADIAISNPADYKGKWNTVFGNDNPIHIEVGTGKGQFISGMAKQNPDINYIGIELFKSVIVTAVQ
KVKDSEAQNVKLLNIDADTLTDVFEPGEVKRVYLNFSDPWPKKRHEKRRLTYSHFLKKYEEVMGKGGSIHFKTDNRGLFE
YSLKSFSEYGLLLTYVSLDLHNSNLEGNIMTEYEEKFSALGQPIYRAEVEWRT
;
_entity_poly.pdbx_strand_id   A,B,C,D,E,F
#
loop_
_chem_comp.id
_chem_comp.type
_chem_comp.name
_chem_comp.formula
GOL non-polymer GLYCEROL 'C3 H8 O3'
NA non-polymer 'SODIUM ION' 'Na 1'
#
# COMPACT_ATOMS: atom_id res chain seq x y z
N TRP A 8 -47.18 12.52 17.76
CA TRP A 8 -46.42 12.01 18.91
C TRP A 8 -45.15 11.34 18.38
N ALA A 9 -44.23 11.02 19.28
CA ALA A 9 -42.94 10.35 18.98
C ALA A 9 -43.19 9.01 18.28
N ASP A 10 -44.23 8.29 18.71
CA ASP A 10 -44.56 6.92 18.22
C ASP A 10 -45.02 6.99 16.75
N ASP A 11 -45.72 8.06 16.37
CA ASP A 11 -46.17 8.26 14.97
C ASP A 11 -44.92 8.52 14.10
N PHE A 12 -44.02 9.37 14.58
CA PHE A 12 -42.78 9.78 13.86
C PHE A 12 -41.96 8.54 13.50
N LEU A 13 -41.78 7.64 14.48
CA LEU A 13 -40.95 6.41 14.34
C LEU A 13 -41.67 5.42 13.41
N ALA A 14 -43.01 5.35 13.49
CA ALA A 14 -43.83 4.49 12.61
C ALA A 14 -43.77 5.00 11.17
N GLU A 15 -43.67 6.32 10.97
CA GLU A 15 -43.58 6.96 9.62
C GLU A 15 -42.18 6.80 9.03
N ASN A 16 -41.14 6.76 9.88
CA ASN A 16 -39.73 6.60 9.45
C ASN A 16 -39.21 5.22 9.83
N ALA A 17 -39.98 4.18 9.52
CA ALA A 17 -39.70 2.79 9.93
C ALA A 17 -38.65 2.15 9.00
N ASP A 18 -38.26 2.87 7.95
CA ASP A 18 -37.12 2.48 7.06
C ASP A 18 -35.78 2.79 7.78
N ILE A 19 -35.77 3.77 8.68
CA ILE A 19 -34.57 4.08 9.50
C ILE A 19 -34.70 3.37 10.86
N ALA A 20 -35.80 3.65 11.56
CA ALA A 20 -36.14 3.07 12.88
C ALA A 20 -36.86 1.75 12.65
N ILE A 21 -36.10 0.68 12.59
CA ILE A 21 -36.62 -0.66 12.22
C ILE A 21 -37.34 -1.25 13.43
N SER A 22 -38.63 -1.57 13.26
CA SER A 22 -39.53 -1.96 14.38
C SER A 22 -39.42 -3.47 14.63
N ASN A 23 -38.93 -4.23 13.66
CA ASN A 23 -38.92 -5.72 13.71
C ASN A 23 -37.51 -6.25 13.56
N PRO A 24 -36.50 -5.76 14.32
CA PRO A 24 -35.10 -6.07 14.03
C PRO A 24 -34.78 -7.57 14.14
N ALA A 25 -35.49 -8.28 15.02
CA ALA A 25 -35.27 -9.73 15.23
C ALA A 25 -35.56 -10.48 13.94
N ASP A 26 -36.41 -9.92 13.06
CA ASP A 26 -36.73 -10.55 11.75
C ASP A 26 -35.49 -10.58 10.84
N TYR A 27 -34.46 -9.78 11.11
CA TYR A 27 -33.30 -9.71 10.18
C TYR A 27 -32.09 -10.43 10.75
N LYS A 28 -32.23 -11.14 11.88
CA LYS A 28 -31.09 -11.88 12.48
C LYS A 28 -30.46 -12.76 11.37
N GLY A 29 -29.15 -12.66 11.18
CA GLY A 29 -28.38 -13.38 10.14
C GLY A 29 -28.62 -12.87 8.71
N LYS A 30 -29.39 -11.80 8.49
CA LYS A 30 -29.75 -11.32 7.13
C LYS A 30 -29.57 -9.79 7.03
N TRP A 31 -28.85 -9.18 7.96
CA TRP A 31 -28.67 -7.71 7.98
C TRP A 31 -27.99 -7.22 6.70
N ASN A 32 -27.21 -8.06 6.00
CA ASN A 32 -26.58 -7.65 4.73
C ASN A 32 -27.69 -7.33 3.74
N THR A 33 -28.79 -8.08 3.80
CA THR A 33 -29.93 -7.90 2.85
C THR A 33 -30.64 -6.61 3.24
N VAL A 34 -30.52 -6.19 4.49
CA VAL A 34 -31.14 -4.91 4.95
C VAL A 34 -30.35 -3.72 4.36
N PHE A 35 -29.02 -3.76 4.40
CA PHE A 35 -28.16 -2.66 3.88
C PHE A 35 -27.99 -2.78 2.36
N GLY A 36 -28.17 -3.97 1.80
CA GLY A 36 -27.99 -4.22 0.36
C GLY A 36 -26.53 -4.38 -0.03
N ASN A 37 -25.66 -4.65 0.94
CA ASN A 37 -24.22 -4.90 0.66
C ASN A 37 -23.65 -5.82 1.75
N ASP A 38 -22.42 -6.28 1.57
CA ASP A 38 -21.71 -7.14 2.54
C ASP A 38 -20.65 -6.35 3.31
N ASN A 39 -20.78 -5.04 3.41
CA ASN A 39 -19.83 -4.21 4.19
C ASN A 39 -19.94 -4.59 5.66
N PRO A 40 -18.87 -4.31 6.45
CA PRO A 40 -18.94 -4.56 7.88
C PRO A 40 -20.03 -3.72 8.57
N ILE A 41 -20.70 -4.33 9.54
CA ILE A 41 -21.69 -3.64 10.41
C ILE A 41 -21.01 -3.27 11.73
N HIS A 42 -21.02 -1.99 12.06
CA HIS A 42 -20.58 -1.51 13.38
C HIS A 42 -21.82 -1.01 14.11
N ILE A 43 -21.88 -1.23 15.41
CA ILE A 43 -23.05 -0.80 16.21
C ILE A 43 -22.56 0.21 17.25
N GLU A 44 -23.46 1.07 17.66
CA GLU A 44 -23.24 1.94 18.82
C GLU A 44 -24.35 1.63 19.82
N VAL A 45 -23.95 1.26 21.04
CA VAL A 45 -24.87 0.95 22.16
C VAL A 45 -25.03 2.23 22.97
N GLY A 46 -26.19 2.85 22.87
CA GLY A 46 -26.47 4.12 23.57
C GLY A 46 -26.23 5.29 22.64
N THR A 47 -26.95 5.32 21.51
CA THR A 47 -26.83 6.35 20.44
C THR A 47 -27.11 7.75 21.02
N GLY A 48 -27.99 7.87 22.00
CA GLY A 48 -28.45 9.19 22.46
C GLY A 48 -29.10 9.98 21.31
N LYS A 49 -28.76 11.27 21.16
CA LYS A 49 -29.38 12.15 20.13
C LYS A 49 -28.79 11.94 18.72
N GLY A 50 -27.76 11.11 18.55
CA GLY A 50 -27.40 10.53 17.23
C GLY A 50 -26.37 11.30 16.41
N GLN A 51 -25.77 12.37 16.94
CA GLN A 51 -24.67 13.09 16.26
C GLN A 51 -23.50 12.15 15.93
N PHE A 52 -23.11 11.31 16.89
CA PHE A 52 -21.96 10.39 16.71
C PHE A 52 -22.24 9.45 15.54
N ILE A 53 -23.35 8.72 15.56
CA ILE A 53 -23.55 7.65 14.53
C ILE A 53 -23.79 8.27 13.15
N SER A 54 -24.47 9.42 13.10
CA SER A 54 -24.70 10.20 11.84
C SER A 54 -23.36 10.63 11.26
N GLY A 55 -22.51 11.25 12.09
CA GLY A 55 -21.15 11.66 11.72
C GLY A 55 -20.30 10.49 11.24
N MET A 56 -20.41 9.34 11.89
CA MET A 56 -19.60 8.16 11.52
C MET A 56 -20.14 7.59 10.20
N ALA A 57 -21.45 7.64 9.98
CA ALA A 57 -22.07 7.15 8.74
C ALA A 57 -21.59 7.99 7.54
N LYS A 58 -21.47 9.31 7.70
CA LYS A 58 -21.06 10.23 6.59
C LYS A 58 -19.57 10.09 6.36
N GLN A 59 -18.80 9.88 7.42
CA GLN A 59 -17.33 9.74 7.32
C GLN A 59 -17.03 8.43 6.61
N ASN A 60 -17.74 7.35 6.96
CA ASN A 60 -17.36 5.98 6.54
C ASN A 60 -18.49 5.34 5.76
N PRO A 61 -18.76 5.78 4.52
CA PRO A 61 -19.92 5.27 3.77
C PRO A 61 -19.79 3.79 3.40
N ASP A 62 -18.57 3.22 3.47
CA ASP A 62 -18.32 1.77 3.24
C ASP A 62 -18.41 0.97 4.54
N ILE A 63 -19.00 1.56 5.57
CA ILE A 63 -19.33 0.85 6.84
C ILE A 63 -20.85 0.98 7.02
N ASN A 64 -21.51 -0.11 7.40
CA ASN A 64 -22.93 -0.12 7.84
C ASN A 64 -23.01 0.13 9.35
N TYR A 65 -23.88 1.04 9.75
CA TYR A 65 -24.01 1.47 11.17
C TYR A 65 -25.42 1.13 11.67
N ILE A 66 -25.49 0.60 12.89
CA ILE A 66 -26.78 0.35 13.59
C ILE A 66 -26.61 0.92 14.99
N GLY A 67 -27.34 2.00 15.27
CA GLY A 67 -27.44 2.62 16.61
C GLY A 67 -28.51 1.93 17.46
N ILE A 68 -28.17 1.60 18.70
CA ILE A 68 -29.09 1.00 19.71
C ILE A 68 -29.41 2.09 20.75
N GLU A 69 -30.70 2.37 20.97
CA GLU A 69 -31.04 3.43 21.97
C GLU A 69 -32.39 3.09 22.63
N LEU A 70 -32.35 2.72 23.90
CA LEU A 70 -33.56 2.28 24.64
C LEU A 70 -34.53 3.48 24.78
N PHE A 71 -34.00 4.67 25.07
CA PHE A 71 -34.80 5.87 25.43
C PHE A 71 -35.55 6.35 24.18
N LYS A 72 -36.86 6.08 24.07
CA LYS A 72 -37.63 6.43 22.84
C LYS A 72 -37.58 7.95 22.60
N SER A 73 -37.67 8.77 23.64
CA SER A 73 -37.67 10.26 23.53
C SER A 73 -36.44 10.72 22.72
N VAL A 74 -35.27 10.14 22.99
CA VAL A 74 -34.00 10.63 22.39
C VAL A 74 -33.80 10.00 21.01
N ILE A 75 -34.29 8.77 20.81
CA ILE A 75 -34.05 8.06 19.52
C ILE A 75 -34.81 8.78 18.39
N VAL A 76 -35.92 9.44 18.70
CA VAL A 76 -36.74 10.24 17.73
C VAL A 76 -35.81 11.30 17.14
N THR A 77 -35.02 11.97 17.99
CA THR A 77 -33.99 12.97 17.60
C THR A 77 -32.94 12.29 16.71
N ALA A 78 -32.51 11.06 17.05
CA ALA A 78 -31.45 10.33 16.33
C ALA A 78 -31.95 10.07 14.93
N VAL A 79 -33.23 9.70 14.82
CA VAL A 79 -33.86 9.43 13.49
C VAL A 79 -33.82 10.72 12.66
N GLN A 80 -34.11 11.87 13.27
CA GLN A 80 -34.12 13.16 12.54
C GLN A 80 -32.70 13.49 12.07
N LYS A 81 -31.67 13.31 12.91
CA LYS A 81 -30.27 13.60 12.50
C LYS A 81 -29.83 12.61 11.42
N VAL A 82 -30.19 11.33 11.55
CA VAL A 82 -29.90 10.34 10.47
C VAL A 82 -30.58 10.84 9.17
N LYS A 83 -31.84 11.26 9.22
CA LYS A 83 -32.57 11.78 8.03
C LYS A 83 -31.86 13.01 7.44
N ASP A 84 -31.49 13.97 8.28
CA ASP A 84 -30.85 15.24 7.83
C ASP A 84 -29.47 14.90 7.23
N SER A 85 -28.80 13.86 7.74
CA SER A 85 -27.45 13.42 7.26
C SER A 85 -27.56 12.95 5.80
N GLU A 86 -28.69 12.38 5.38
CA GLU A 86 -28.92 11.78 4.04
C GLU A 86 -28.07 10.50 3.88
N ALA A 87 -27.36 10.06 4.93
CA ALA A 87 -26.63 8.77 4.95
C ALA A 87 -27.60 7.60 4.79
N GLN A 88 -27.26 6.63 3.93
CA GLN A 88 -28.10 5.46 3.61
C GLN A 88 -27.57 4.23 4.36
N ASN A 89 -26.51 4.39 5.16
CA ASN A 89 -25.76 3.26 5.75
C ASN A 89 -25.95 3.28 7.26
N VAL A 90 -27.14 3.66 7.75
CA VAL A 90 -27.34 3.71 9.22
C VAL A 90 -28.81 3.44 9.54
N LYS A 91 -29.06 2.45 10.39
CA LYS A 91 -30.40 2.14 10.94
C LYS A 91 -30.37 2.40 12.43
N LEU A 92 -31.54 2.51 13.05
CA LEU A 92 -31.64 2.74 14.51
C LEU A 92 -32.63 1.75 15.12
N LEU A 93 -32.25 1.13 16.23
CA LEU A 93 -33.09 0.12 16.92
C LEU A 93 -33.41 0.64 18.32
N ASN A 94 -34.69 0.61 18.68
CA ASN A 94 -35.21 1.05 19.99
C ASN A 94 -35.23 -0.16 20.95
N ILE A 95 -34.06 -0.71 21.27
CA ILE A 95 -33.88 -1.92 22.10
C ILE A 95 -32.78 -1.66 23.12
N ASP A 96 -32.55 -2.60 24.03
CA ASP A 96 -31.46 -2.54 25.03
C ASP A 96 -30.33 -3.49 24.63
N ALA A 97 -29.23 -3.45 25.37
CA ALA A 97 -28.04 -4.27 25.04
C ALA A 97 -28.37 -5.77 25.19
N ASP A 98 -29.26 -6.14 26.11
CA ASP A 98 -29.62 -7.56 26.33
C ASP A 98 -30.27 -8.14 25.06
N THR A 99 -30.99 -7.34 24.30
CA THR A 99 -31.71 -7.84 23.09
C THR A 99 -30.74 -8.01 21.90
N LEU A 100 -29.48 -7.65 22.01
CA LEU A 100 -28.58 -7.68 20.83
C LEU A 100 -28.57 -9.11 20.26
N THR A 101 -28.66 -10.13 21.12
CA THR A 101 -28.48 -11.54 20.69
C THR A 101 -29.75 -12.03 20.00
N ASP A 102 -30.87 -11.32 20.15
CA ASP A 102 -32.10 -11.64 19.38
C ASP A 102 -32.02 -11.08 17.97
N VAL A 103 -31.10 -10.14 17.73
CA VAL A 103 -31.10 -9.34 16.49
C VAL A 103 -29.93 -9.76 15.59
N PHE A 104 -28.80 -10.19 16.16
CA PHE A 104 -27.58 -10.51 15.37
C PHE A 104 -27.10 -11.93 15.66
N GLU A 105 -26.58 -12.60 14.63
CA GLU A 105 -25.84 -13.87 14.75
C GLU A 105 -24.37 -13.60 15.10
N PRO A 106 -23.64 -14.59 15.66
CA PRO A 106 -22.23 -14.39 15.98
C PRO A 106 -21.46 -14.04 14.70
N GLY A 107 -20.71 -12.93 14.73
CA GLY A 107 -19.87 -12.47 13.60
C GLY A 107 -20.60 -11.50 12.69
N GLU A 108 -21.88 -11.23 12.93
CA GLU A 108 -22.65 -10.30 12.08
C GLU A 108 -22.24 -8.85 12.40
N VAL A 109 -21.83 -8.58 13.64
CA VAL A 109 -21.30 -7.28 14.08
C VAL A 109 -19.77 -7.35 14.14
N LYS A 110 -19.09 -6.32 13.62
CA LYS A 110 -17.61 -6.26 13.64
C LYS A 110 -17.11 -5.36 14.77
N ARG A 111 -17.92 -4.46 15.30
CA ARG A 111 -17.39 -3.52 16.31
C ARG A 111 -18.55 -2.95 17.11
N VAL A 112 -18.28 -2.68 18.38
CA VAL A 112 -19.24 -2.05 19.31
C VAL A 112 -18.66 -0.71 19.72
N TYR A 113 -19.40 0.38 19.49
CA TYR A 113 -19.06 1.72 20.01
C TYR A 113 -19.80 1.91 21.35
N LEU A 114 -19.08 2.33 22.40
CA LEU A 114 -19.69 2.82 23.65
C LEU A 114 -19.19 4.25 23.88
N ASN A 115 -20.12 5.20 24.03
CA ASN A 115 -19.76 6.64 24.16
C ASN A 115 -20.51 7.16 25.37
N PHE A 116 -19.78 7.52 26.42
CA PHE A 116 -20.32 8.22 27.62
C PHE A 116 -21.46 7.40 28.23
N SER A 117 -21.26 6.08 28.35
CA SER A 117 -22.19 5.15 29.03
C SER A 117 -22.40 5.58 30.49
N ASP A 118 -23.58 5.31 31.01
CA ASP A 118 -23.93 5.55 32.44
C ASP A 118 -22.86 4.91 33.31
N PRO A 119 -22.20 5.69 34.19
CA PRO A 119 -21.13 5.16 35.03
C PRO A 119 -21.62 4.21 36.14
N TRP A 120 -22.85 4.38 36.62
CA TRP A 120 -23.39 3.55 37.73
C TRP A 120 -22.33 3.35 38.81
N PRO A 121 -21.90 4.44 39.50
CA PRO A 121 -20.73 4.37 40.37
C PRO A 121 -20.87 3.49 41.62
N LYS A 122 -22.09 3.27 42.11
CA LYS A 122 -22.32 2.48 43.36
C LYS A 122 -21.94 1.02 43.12
N LYS A 123 -21.36 0.40 44.14
CA LYS A 123 -20.86 -1.00 44.09
C LYS A 123 -22.01 -1.91 43.67
N ARG A 124 -23.20 -1.73 44.23
CA ARG A 124 -24.34 -2.65 43.98
C ARG A 124 -24.91 -2.46 42.57
N HIS A 125 -24.51 -1.41 41.81
CA HIS A 125 -24.95 -1.19 40.40
C HIS A 125 -23.89 -1.64 39.38
N GLU A 126 -22.80 -2.29 39.79
CA GLU A 126 -21.74 -2.77 38.86
C GLU A 126 -22.36 -3.48 37.65
N LYS A 127 -23.32 -4.37 37.87
CA LYS A 127 -23.90 -5.21 36.80
C LYS A 127 -24.68 -4.39 35.76
N ARG A 128 -24.94 -3.10 36.00
CA ARG A 128 -25.69 -2.23 35.06
C ARG A 128 -24.72 -1.43 34.17
N ARG A 129 -23.42 -1.52 34.42
CA ARG A 129 -22.41 -0.86 33.57
C ARG A 129 -22.26 -1.62 32.26
N LEU A 130 -22.15 -0.90 31.15
CA LEU A 130 -22.13 -1.55 29.82
C LEU A 130 -20.76 -2.16 29.53
N THR A 131 -19.79 -2.01 30.42
CA THR A 131 -18.46 -2.66 30.34
C THR A 131 -18.36 -3.84 31.31
N TYR A 132 -19.36 -4.06 32.15
CA TYR A 132 -19.46 -5.26 33.02
C TYR A 132 -19.40 -6.54 32.18
N SER A 133 -18.84 -7.61 32.76
CA SER A 133 -18.61 -8.92 32.08
C SER A 133 -19.86 -9.41 31.36
N HIS A 134 -21.06 -9.17 31.91
CA HIS A 134 -22.28 -9.74 31.27
C HIS A 134 -22.43 -9.12 29.88
N PHE A 135 -22.15 -7.82 29.74
CA PHE A 135 -22.34 -7.13 28.44
C PHE A 135 -21.14 -7.47 27.55
N LEU A 136 -19.97 -7.66 28.12
CA LEU A 136 -18.82 -8.10 27.28
C LEU A 136 -19.21 -9.43 26.61
N LYS A 137 -19.90 -10.31 27.33
CA LYS A 137 -20.34 -11.58 26.76
C LYS A 137 -21.39 -11.36 25.66
N LYS A 138 -22.36 -10.48 25.87
CA LYS A 138 -23.35 -10.16 24.81
C LYS A 138 -22.62 -9.65 23.56
N TYR A 139 -21.63 -8.76 23.73
CA TYR A 139 -20.86 -8.21 22.59
C TYR A 139 -20.15 -9.37 21.87
N GLU A 140 -19.67 -10.35 22.63
CA GLU A 140 -18.94 -11.51 22.05
C GLU A 140 -19.93 -12.36 21.23
N GLU A 141 -21.13 -12.51 21.73
CA GLU A 141 -22.14 -13.39 21.10
C GLU A 141 -22.61 -12.76 19.79
N VAL A 142 -22.38 -11.46 19.55
CA VAL A 142 -22.75 -10.83 18.26
C VAL A 142 -21.53 -10.60 17.37
N MET A 143 -20.32 -10.61 17.93
CA MET A 143 -19.09 -10.29 17.14
C MET A 143 -18.27 -11.54 16.87
N GLY A 144 -18.40 -12.57 17.71
CA GLY A 144 -17.68 -13.83 17.52
C GLY A 144 -16.19 -13.71 17.79
N LYS A 145 -15.37 -14.31 16.91
CA LYS A 145 -13.91 -14.52 17.12
C LYS A 145 -13.20 -13.16 17.17
N GLY A 146 -13.40 -12.31 16.16
CA GLY A 146 -12.70 -11.02 16.12
C GLY A 146 -13.46 -10.02 16.96
N GLY A 147 -13.57 -8.82 16.45
CA GLY A 147 -14.46 -7.81 17.05
C GLY A 147 -13.71 -6.97 18.04
N SER A 148 -14.11 -5.70 18.15
CA SER A 148 -13.47 -4.73 19.05
C SER A 148 -14.55 -3.90 19.74
N ILE A 149 -14.13 -3.23 20.80
CA ILE A 149 -14.95 -2.21 21.48
C ILE A 149 -14.13 -0.93 21.44
N HIS A 150 -14.75 0.13 20.92
CA HIS A 150 -14.19 1.50 20.94
C HIS A 150 -14.98 2.29 21.98
N PHE A 151 -14.30 2.70 23.05
CA PHE A 151 -14.96 3.24 24.27
C PHE A 151 -14.46 4.66 24.56
N LYS A 152 -15.37 5.60 24.73
CA LYS A 152 -15.03 6.96 25.16
C LYS A 152 -15.93 7.34 26.33
N THR A 153 -15.34 7.94 27.35
CA THR A 153 -16.05 8.49 28.52
C THR A 153 -15.24 9.64 29.08
N ASP A 154 -15.92 10.56 29.76
CA ASP A 154 -15.27 11.58 30.62
C ASP A 154 -15.17 11.07 32.06
N ASN A 155 -15.86 9.99 32.42
CA ASN A 155 -15.95 9.56 33.84
C ASN A 155 -14.73 8.73 34.20
N ARG A 156 -13.87 9.27 35.06
CA ARG A 156 -12.60 8.61 35.44
C ARG A 156 -12.87 7.27 36.14
N GLY A 157 -13.85 7.22 37.04
CA GLY A 157 -14.20 6.00 37.78
C GLY A 157 -14.66 4.90 36.82
N LEU A 158 -15.52 5.24 35.86
CA LEU A 158 -15.99 4.26 34.87
C LEU A 158 -14.84 3.76 34.00
N PHE A 159 -13.94 4.65 33.56
CA PHE A 159 -12.85 4.25 32.63
C PHE A 159 -11.90 3.33 33.39
N GLU A 160 -11.53 3.68 34.62
CA GLU A 160 -10.64 2.81 35.45
C GLU A 160 -11.29 1.43 35.62
N TYR A 161 -12.55 1.39 36.05
CA TYR A 161 -13.37 0.15 36.18
C TYR A 161 -13.32 -0.64 34.86
N SER A 162 -13.47 0.05 33.72
CA SER A 162 -13.63 -0.60 32.40
C SER A 162 -12.30 -1.23 31.99
N LEU A 163 -11.20 -0.54 32.20
CA LEU A 163 -9.85 -1.08 31.89
C LEU A 163 -9.69 -2.41 32.66
N LYS A 164 -10.13 -2.46 33.92
CA LYS A 164 -9.95 -3.67 34.78
C LYS A 164 -10.89 -4.77 34.31
N SER A 165 -12.12 -4.40 33.98
CA SER A 165 -13.17 -5.33 33.47
C SER A 165 -12.69 -5.93 32.14
N PHE A 166 -12.22 -5.09 31.22
CA PHE A 166 -11.66 -5.54 29.92
C PHE A 166 -10.54 -6.55 30.20
N SER A 167 -9.67 -6.22 31.15
CA SER A 167 -8.45 -7.02 31.43
C SER A 167 -8.87 -8.36 32.04
N GLU A 168 -9.77 -8.34 33.01
CA GLU A 168 -10.27 -9.57 33.68
C GLU A 168 -10.94 -10.48 32.65
N TYR A 169 -11.64 -9.93 31.67
CA TYR A 169 -12.36 -10.69 30.62
C TYR A 169 -11.35 -11.33 29.63
N GLY A 170 -10.16 -10.74 29.50
CA GLY A 170 -9.03 -11.25 28.69
C GLY A 170 -8.90 -10.53 27.36
N LEU A 171 -9.45 -9.31 27.24
CA LEU A 171 -9.36 -8.54 25.97
C LEU A 171 -7.98 -7.88 25.87
N LEU A 172 -7.57 -7.58 24.66
CA LEU A 172 -6.27 -6.94 24.39
C LEU A 172 -6.48 -5.44 24.19
N LEU A 173 -5.79 -4.64 24.98
CA LEU A 173 -5.87 -3.18 24.85
C LEU A 173 -4.87 -2.72 23.77
N THR A 174 -5.36 -2.24 22.63
CA THR A 174 -4.54 -1.84 21.46
C THR A 174 -4.44 -0.32 21.36
N TYR A 175 -5.37 0.43 21.95
CA TYR A 175 -5.29 1.90 21.96
C TYR A 175 -5.77 2.38 23.33
N VAL A 176 -5.04 3.32 23.90
CA VAL A 176 -5.53 4.03 25.12
C VAL A 176 -5.05 5.48 25.10
N SER A 177 -5.98 6.40 25.27
CA SER A 177 -5.68 7.82 25.48
C SER A 177 -6.32 8.26 26.81
N LEU A 178 -5.53 8.91 27.67
CA LEU A 178 -6.00 9.49 28.95
C LEU A 178 -6.23 11.00 28.80
N ASP A 179 -6.21 11.51 27.56
CA ASP A 179 -6.54 12.93 27.26
C ASP A 179 -6.78 13.06 25.75
N LEU A 180 -7.93 12.58 25.29
CA LEU A 180 -8.16 12.40 23.82
C LEU A 180 -8.01 13.73 23.07
N HIS A 181 -8.45 14.84 23.64
CA HIS A 181 -8.55 16.13 22.89
C HIS A 181 -7.17 16.73 22.70
N ASN A 182 -6.16 16.24 23.44
CA ASN A 182 -4.73 16.60 23.27
C ASN A 182 -3.91 15.47 22.65
N SER A 183 -4.55 14.53 21.97
CA SER A 183 -3.94 13.28 21.46
C SER A 183 -4.09 13.17 19.95
N ASN A 184 -4.70 14.15 19.31
CA ASN A 184 -4.75 14.23 17.83
C ASN A 184 -5.26 12.90 17.27
N LEU A 185 -6.44 12.43 17.68
CA LEU A 185 -7.09 11.26 17.01
C LEU A 185 -7.79 11.77 15.74
N GLU A 186 -7.19 11.58 14.56
CA GLU A 186 -7.75 12.14 13.29
C GLU A 186 -9.11 11.50 13.00
N GLY A 187 -10.11 12.31 12.65
CA GLY A 187 -11.44 11.80 12.27
C GLY A 187 -12.28 11.45 13.48
N ASN A 188 -11.84 11.83 14.67
CA ASN A 188 -12.65 11.71 15.92
C ASN A 188 -14.01 12.40 15.70
N ILE A 189 -15.09 11.64 15.86
CA ILE A 189 -16.48 12.17 15.79
C ILE A 189 -16.99 12.32 17.23
N MET A 190 -17.29 13.55 17.62
CA MET A 190 -17.74 13.88 18.97
C MET A 190 -19.23 13.60 19.08
N THR A 191 -19.66 13.12 20.25
CA THR A 191 -21.08 13.17 20.68
C THR A 191 -21.43 14.61 21.07
N GLU A 192 -22.72 14.88 21.18
CA GLU A 192 -23.26 16.20 21.62
C GLU A 192 -22.58 16.56 22.94
N TYR A 193 -22.61 15.65 23.92
CA TYR A 193 -22.02 15.85 25.27
C TYR A 193 -20.51 16.11 25.13
N GLU A 194 -19.80 15.30 24.34
CA GLU A 194 -18.34 15.45 24.15
C GLU A 194 -18.00 16.84 23.59
N GLU A 195 -18.82 17.38 22.68
CA GLU A 195 -18.53 18.69 22.03
C GLU A 195 -18.30 19.78 23.08
N LYS A 196 -19.00 19.70 24.22
CA LYS A 196 -19.00 20.75 25.28
C LYS A 196 -17.89 20.49 26.31
N PHE A 197 -16.77 19.88 25.91
CA PHE A 197 -15.69 19.51 26.85
C PHE A 197 -14.38 20.23 26.55
N SER A 198 -14.11 20.59 25.29
CA SER A 198 -12.81 21.20 24.93
C SER A 198 -12.64 22.52 25.70
N ALA A 199 -13.72 23.28 25.87
CA ALA A 199 -13.76 24.52 26.69
C ALA A 199 -13.57 24.17 28.16
N LEU A 200 -14.24 23.10 28.64
CA LEU A 200 -14.17 22.66 30.06
C LEU A 200 -12.72 22.32 30.44
N GLY A 201 -12.03 21.52 29.63
CA GLY A 201 -10.61 21.20 29.82
C GLY A 201 -10.40 19.87 30.50
N GLN A 202 -11.46 19.22 30.99
CA GLN A 202 -11.39 17.88 31.64
C GLN A 202 -11.07 16.81 30.60
N PRO A 203 -10.20 15.83 30.92
CA PRO A 203 -9.76 14.86 29.92
C PRO A 203 -10.91 13.94 29.47
N ILE A 204 -10.98 13.67 28.16
CA ILE A 204 -11.83 12.58 27.59
C ILE A 204 -10.96 11.33 27.50
N TYR A 205 -11.45 10.22 28.08
CA TYR A 205 -10.71 8.93 28.10
C TYR A 205 -11.20 8.05 26.95
N ARG A 206 -10.31 7.31 26.35
CA ARG A 206 -10.62 6.49 25.15
C ARG A 206 -9.82 5.18 25.23
N ALA A 207 -10.47 4.08 24.87
CA ALA A 207 -9.85 2.74 24.77
C ALA A 207 -10.38 2.06 23.52
N GLU A 208 -9.51 1.32 22.85
CA GLU A 208 -9.89 0.27 21.89
C GLU A 208 -9.40 -1.04 22.47
N VAL A 209 -10.29 -2.00 22.51
CA VAL A 209 -9.98 -3.32 23.10
C VAL A 209 -10.51 -4.38 22.13
N GLU A 210 -9.76 -5.47 21.92
CA GLU A 210 -10.18 -6.54 20.97
C GLU A 210 -10.11 -7.94 21.60
N TRP A 211 -10.89 -8.84 21.04
CA TRP A 211 -10.86 -10.27 21.37
C TRP A 211 -9.56 -10.84 20.81
N ARG A 212 -8.92 -11.73 21.57
CA ARG A 212 -7.65 -12.35 21.14
C ARG A 212 -7.95 -13.46 20.13
N THR A 213 -7.21 -13.46 19.01
CA THR A 213 -7.29 -14.47 17.92
C THR A 213 -5.88 -14.89 17.45
N ASP B 11 36.18 5.01 49.77
CA ASP B 11 34.87 4.90 49.05
C ASP B 11 33.76 4.77 50.10
N PHE B 12 32.69 5.54 49.93
CA PHE B 12 31.55 5.58 50.88
C PHE B 12 30.85 4.21 50.92
N LEU B 13 30.77 3.56 49.76
CA LEU B 13 30.00 2.30 49.60
C LEU B 13 30.73 1.17 50.34
N ALA B 14 32.06 1.13 50.25
CA ALA B 14 32.92 0.09 50.89
C ALA B 14 32.70 0.10 52.40
N GLU B 15 32.54 1.28 52.99
CA GLU B 15 32.35 1.46 54.45
C GLU B 15 30.90 1.22 54.88
N ASN B 16 29.96 1.15 53.92
CA ASN B 16 28.53 0.82 54.20
C ASN B 16 28.14 -0.42 53.38
N ALA B 17 29.02 -1.43 53.30
CA ALA B 17 28.90 -2.63 52.43
C ALA B 17 27.89 -3.65 52.98
N ASP B 18 27.32 -3.39 54.15
CA ASP B 18 26.22 -4.21 54.73
C ASP B 18 24.87 -3.67 54.22
N ILE B 19 24.82 -2.43 53.71
CA ILE B 19 23.62 -1.86 53.02
C ILE B 19 23.77 -1.95 51.51
N ALA B 20 24.86 -1.42 50.95
CA ALA B 20 25.21 -1.55 49.53
C ALA B 20 25.99 -2.84 49.32
N ILE B 21 25.39 -3.82 48.65
CA ILE B 21 26.00 -5.18 48.47
C ILE B 21 26.68 -5.15 47.10
N SER B 22 27.99 -5.32 47.08
CA SER B 22 28.84 -5.15 45.86
C SER B 22 28.89 -6.49 45.12
N ASN B 23 28.49 -7.58 45.77
CA ASN B 23 28.61 -8.94 45.17
C ASN B 23 27.26 -9.63 45.15
N PRO B 24 26.18 -8.99 44.64
CA PRO B 24 24.84 -9.54 44.82
C PRO B 24 24.65 -10.89 44.12
N ALA B 25 25.39 -11.16 43.05
CA ALA B 25 25.25 -12.42 42.31
C ALA B 25 25.57 -13.63 43.22
N ASP B 26 26.36 -13.44 44.28
CA ASP B 26 26.78 -14.55 45.20
C ASP B 26 25.61 -15.03 46.08
N TYR B 27 24.54 -14.23 46.21
CA TYR B 27 23.37 -14.54 47.09
C TYR B 27 22.17 -15.03 46.30
N LYS B 28 22.35 -15.38 45.03
CA LYS B 28 21.24 -15.86 44.19
C LYS B 28 20.68 -17.14 44.82
N GLY B 29 19.38 -17.18 45.12
CA GLY B 29 18.75 -18.34 45.75
C GLY B 29 18.93 -18.36 47.26
N LYS B 30 19.67 -17.40 47.85
CA LYS B 30 19.90 -17.37 49.32
C LYS B 30 19.85 -15.94 49.87
N TRP B 31 19.03 -15.08 49.30
CA TRP B 31 18.78 -13.75 49.91
C TRP B 31 18.11 -13.89 51.29
N ASN B 32 17.44 -14.99 51.58
CA ASN B 32 16.92 -15.20 52.97
C ASN B 32 18.09 -15.28 53.98
N THR B 33 19.29 -15.68 53.57
CA THR B 33 20.46 -15.77 54.50
C THR B 33 21.04 -14.37 54.69
N VAL B 34 20.80 -13.45 53.76
CA VAL B 34 21.25 -12.04 53.92
C VAL B 34 20.35 -11.32 54.94
N PHE B 35 19.02 -11.41 54.80
CA PHE B 35 18.06 -10.74 55.71
C PHE B 35 17.92 -11.53 57.02
N GLY B 36 18.03 -12.85 56.96
CA GLY B 36 17.95 -13.75 58.14
C GLY B 36 16.51 -14.20 58.41
N ASN B 37 15.66 -14.18 57.38
CA ASN B 37 14.21 -14.51 57.54
C ASN B 37 13.62 -14.76 56.14
N ASP B 38 12.41 -15.27 56.09
CA ASP B 38 11.76 -15.66 54.82
C ASP B 38 10.72 -14.62 54.47
N ASN B 39 10.85 -13.41 55.00
CA ASN B 39 9.96 -12.28 54.61
C ASN B 39 9.98 -12.16 53.09
N PRO B 40 8.83 -11.86 52.46
CA PRO B 40 8.79 -11.68 51.02
C PRO B 40 9.77 -10.57 50.59
N ILE B 41 10.43 -10.78 49.47
CA ILE B 41 11.38 -9.77 48.91
C ILE B 41 10.68 -8.95 47.83
N HIS B 42 10.65 -7.63 48.01
CA HIS B 42 10.13 -6.63 47.06
C HIS B 42 11.29 -5.76 46.54
N ILE B 43 11.34 -5.54 45.24
CA ILE B 43 12.47 -4.77 44.67
C ILE B 43 11.94 -3.47 44.05
N GLU B 44 12.80 -2.47 44.01
CA GLU B 44 12.60 -1.26 43.19
C GLU B 44 13.69 -1.17 42.12
N VAL B 45 13.26 -1.07 40.86
CA VAL B 45 14.14 -0.81 39.69
C VAL B 45 14.21 0.71 39.44
N GLY B 46 15.34 1.33 39.76
CA GLY B 46 15.54 2.78 39.60
C GLY B 46 15.16 3.51 40.86
N THR B 47 15.90 3.29 41.94
CA THR B 47 15.54 3.78 43.28
C THR B 47 15.88 5.25 43.40
N GLY B 48 16.81 5.76 42.57
CA GLY B 48 17.21 7.17 42.69
C GLY B 48 17.80 7.45 44.07
N LYS B 49 17.43 8.55 44.70
CA LYS B 49 18.07 9.01 45.96
C LYS B 49 17.43 8.34 47.19
N GLY B 50 16.40 7.51 47.02
CA GLY B 50 16.06 6.45 47.98
C GLY B 50 14.94 6.80 48.95
N GLN B 51 14.25 7.92 48.76
CA GLN B 51 13.17 8.34 49.69
C GLN B 51 12.10 7.24 49.71
N PHE B 52 11.73 6.73 48.53
CA PHE B 52 10.64 5.75 48.39
C PHE B 52 11.00 4.44 49.12
N ILE B 53 12.14 3.86 48.81
CA ILE B 53 12.46 2.51 49.35
C ILE B 53 12.73 2.62 50.85
N SER B 54 13.29 3.74 51.32
CA SER B 54 13.45 4.06 52.76
C SER B 54 12.09 4.11 53.46
N GLY B 55 11.16 4.87 52.89
CA GLY B 55 9.80 5.03 53.43
C GLY B 55 9.02 3.73 53.41
N MET B 56 9.19 2.92 52.37
CA MET B 56 8.48 1.61 52.26
C MET B 56 9.05 0.66 53.31
N ALA B 57 10.37 0.62 53.45
CA ALA B 57 11.07 -0.21 54.47
C ALA B 57 10.59 0.13 55.89
N LYS B 58 10.43 1.42 56.20
CA LYS B 58 9.95 1.90 57.52
C LYS B 58 8.49 1.50 57.71
N GLN B 59 7.69 1.56 56.65
CA GLN B 59 6.25 1.25 56.68
C GLN B 59 6.05 -0.25 56.89
N ASN B 60 6.85 -1.08 56.24
CA ASN B 60 6.62 -2.55 56.13
C ASN B 60 7.84 -3.32 56.62
N PRO B 61 8.08 -3.31 57.95
CA PRO B 61 9.22 -4.05 58.51
C PRO B 61 9.13 -5.56 58.29
N ASP B 62 7.96 -6.08 57.89
CA ASP B 62 7.73 -7.52 57.57
C ASP B 62 8.00 -7.81 56.08
N ILE B 63 8.56 -6.84 55.35
CA ILE B 63 8.94 -7.02 53.93
C ILE B 63 10.42 -6.66 53.78
N ASN B 64 11.17 -7.49 53.05
CA ASN B 64 12.59 -7.25 52.71
C ASN B 64 12.64 -6.51 51.38
N TYR B 65 13.28 -5.34 51.38
CA TYR B 65 13.37 -4.43 50.22
C TYR B 65 14.77 -4.47 49.62
N ILE B 66 14.85 -4.58 48.30
CA ILE B 66 16.14 -4.49 47.56
C ILE B 66 15.98 -3.46 46.44
N GLY B 67 16.71 -2.37 46.56
CA GLY B 67 16.70 -1.26 45.60
C GLY B 67 17.86 -1.36 44.62
N ILE B 68 17.60 -1.17 43.33
CA ILE B 68 18.67 -1.20 42.28
C ILE B 68 18.73 0.19 41.63
N GLU B 69 19.95 0.71 41.49
CA GLU B 69 20.25 2.06 40.97
C GLU B 69 21.52 1.96 40.12
N LEU B 70 21.46 2.44 38.89
CA LEU B 70 22.58 2.27 37.93
C LEU B 70 23.73 3.21 38.30
N PHE B 71 23.44 4.43 38.74
CA PHE B 71 24.49 5.47 38.94
C PHE B 71 24.98 5.47 40.39
N LYS B 72 26.28 5.22 40.59
CA LYS B 72 26.91 5.22 41.94
C LYS B 72 26.73 6.58 42.59
N SER B 73 26.75 7.66 41.79
CA SER B 73 26.69 9.06 42.28
C SER B 73 25.34 9.29 42.96
N VAL B 74 24.34 8.50 42.60
CA VAL B 74 22.95 8.65 43.12
C VAL B 74 22.73 7.64 44.25
N ILE B 75 23.30 6.45 44.14
CA ILE B 75 23.03 5.34 45.09
C ILE B 75 23.65 5.67 46.45
N VAL B 76 24.66 6.54 46.50
CA VAL B 76 25.32 6.93 47.79
C VAL B 76 24.32 7.76 48.61
N THR B 77 23.50 8.57 47.95
CA THR B 77 22.41 9.32 48.63
C THR B 77 21.35 8.35 49.16
N ALA B 78 20.96 7.33 48.37
CA ALA B 78 20.01 6.26 48.80
C ALA B 78 20.58 5.56 50.05
N VAL B 79 21.86 5.25 50.03
CA VAL B 79 22.52 4.57 51.18
C VAL B 79 22.31 5.44 52.43
N GLN B 80 22.66 6.72 52.36
CA GLN B 80 22.51 7.67 53.49
C GLN B 80 21.06 7.69 53.99
N LYS B 81 20.06 7.70 53.09
CA LYS B 81 18.63 7.80 53.50
C LYS B 81 18.22 6.52 54.21
N VAL B 82 18.75 5.37 53.77
CA VAL B 82 18.49 4.05 54.41
C VAL B 82 19.14 4.08 55.79
N LYS B 83 20.38 4.56 55.90
CA LYS B 83 21.09 4.74 57.20
C LYS B 83 20.27 5.65 58.11
N ASP B 84 19.77 6.79 57.61
CA ASP B 84 19.01 7.76 58.44
C ASP B 84 17.67 7.17 58.91
N SER B 85 17.09 6.25 58.14
CA SER B 85 15.79 5.61 58.48
C SER B 85 16.00 4.59 59.61
N GLU B 86 17.23 4.07 59.73
CA GLU B 86 17.63 3.04 60.73
C GLU B 86 16.93 1.71 60.42
N ALA B 87 16.37 1.54 59.22
CA ALA B 87 15.64 0.32 58.85
C ALA B 87 16.63 -0.80 58.48
N GLN B 88 16.37 -2.02 58.97
CA GLN B 88 17.28 -3.18 58.81
C GLN B 88 16.82 -4.06 57.65
N ASN B 89 15.76 -3.69 56.92
CA ASN B 89 15.14 -4.57 55.90
C ASN B 89 15.29 -3.96 54.50
N VAL B 90 16.39 -3.25 54.22
CA VAL B 90 16.66 -2.58 52.92
C VAL B 90 18.10 -2.87 52.50
N LYS B 91 18.32 -3.46 51.33
CA LYS B 91 19.65 -3.46 50.65
C LYS B 91 19.58 -2.67 49.33
N LEU B 92 20.73 -2.16 48.88
CA LEU B 92 20.85 -1.38 47.63
C LEU B 92 21.96 -1.99 46.78
N LEU B 93 21.64 -2.29 45.52
CA LEU B 93 22.55 -2.90 44.53
C LEU B 93 22.81 -1.88 43.41
N ASN B 94 24.07 -1.66 43.11
CA ASN B 94 24.48 -0.82 41.96
C ASN B 94 24.57 -1.73 40.73
N ILE B 95 23.42 -2.09 40.14
CA ILE B 95 23.38 -3.00 38.97
C ILE B 95 22.33 -2.49 37.99
N ASP B 96 22.36 -3.06 36.80
CA ASP B 96 21.33 -2.78 35.77
C ASP B 96 20.26 -3.89 35.85
N ALA B 97 19.10 -3.57 35.30
CA ALA B 97 17.87 -4.39 35.32
C ALA B 97 18.12 -5.72 34.60
N ASP B 98 19.03 -5.76 33.62
CA ASP B 98 19.32 -7.00 32.86
C ASP B 98 20.07 -7.98 33.77
N THR B 99 20.78 -7.49 34.77
CA THR B 99 21.54 -8.30 35.77
C THR B 99 20.59 -8.96 36.81
N LEU B 100 19.30 -8.62 36.86
CA LEU B 100 18.40 -9.15 37.91
C LEU B 100 18.44 -10.68 37.91
N THR B 101 18.49 -11.32 36.74
CA THR B 101 18.47 -12.80 36.63
C THR B 101 19.77 -13.42 37.12
N ASP B 102 20.83 -12.64 37.31
CA ASP B 102 22.09 -13.17 37.90
C ASP B 102 22.01 -13.11 39.43
N VAL B 103 21.02 -12.41 39.98
CA VAL B 103 20.99 -12.06 41.41
C VAL B 103 19.85 -12.81 42.11
N PHE B 104 18.80 -13.14 41.38
CA PHE B 104 17.56 -13.71 41.97
C PHE B 104 17.18 -14.99 41.23
N GLU B 105 16.79 -16.00 42.02
CA GLU B 105 16.17 -17.26 41.53
C GLU B 105 14.71 -16.96 41.17
N PRO B 106 14.12 -17.64 40.18
CA PRO B 106 12.70 -17.47 39.90
C PRO B 106 11.84 -17.70 41.14
N GLY B 107 11.04 -16.70 41.54
CA GLY B 107 10.17 -16.80 42.73
C GLY B 107 10.77 -16.18 43.96
N GLU B 108 12.07 -15.83 43.97
CA GLU B 108 12.74 -15.24 45.15
C GLU B 108 12.23 -13.80 45.37
N VAL B 109 11.77 -13.14 44.30
CA VAL B 109 11.19 -11.78 44.38
C VAL B 109 9.68 -11.92 44.27
N LYS B 110 8.95 -11.12 45.04
CA LYS B 110 7.47 -11.20 45.10
C LYS B 110 6.84 -9.97 44.43
N ARG B 111 7.58 -8.88 44.30
CA ARG B 111 6.98 -7.67 43.68
C ARG B 111 8.07 -6.80 43.07
N VAL B 112 7.71 -6.11 41.99
CA VAL B 112 8.60 -5.11 41.35
C VAL B 112 7.91 -3.77 41.43
N TYR B 113 8.61 -2.80 42.04
CA TYR B 113 8.23 -1.37 42.04
C TYR B 113 8.99 -0.62 40.94
N LEU B 114 8.24 0.16 40.15
CA LEU B 114 8.74 1.05 39.09
C LEU B 114 8.12 2.41 39.34
N ASN B 115 8.96 3.41 39.60
CA ASN B 115 8.55 4.79 39.98
C ASN B 115 9.19 5.78 39.01
N PHE B 116 8.35 6.42 38.20
CA PHE B 116 8.69 7.58 37.35
C PHE B 116 9.86 7.21 36.47
N SER B 117 9.78 6.03 35.86
CA SER B 117 10.81 5.49 34.96
C SER B 117 10.97 6.40 33.75
N ASP B 118 12.17 6.38 33.13
CA ASP B 118 12.43 7.20 31.92
C ASP B 118 11.42 6.79 30.85
N PRO B 119 10.71 7.77 30.24
CA PRO B 119 9.71 7.45 29.22
C PRO B 119 10.25 6.99 27.86
N TRP B 120 11.45 7.44 27.46
CA TRP B 120 12.05 7.09 26.14
C TRP B 120 10.99 7.12 25.03
N PRO B 121 10.31 8.26 24.80
CA PRO B 121 9.27 8.35 23.78
C PRO B 121 9.68 8.01 22.33
N LYS B 122 10.97 8.10 21.98
CA LYS B 122 11.40 7.81 20.59
C LYS B 122 11.26 6.31 20.35
N LYS B 123 10.71 5.92 19.20
CA LYS B 123 10.34 4.52 18.90
C LYS B 123 11.59 3.65 18.90
N ARG B 124 12.73 4.14 18.45
CA ARG B 124 13.98 3.32 18.46
C ARG B 124 14.37 2.97 19.91
N HIS B 125 13.87 3.71 20.92
CA HIS B 125 14.25 3.49 22.35
C HIS B 125 13.08 2.91 23.19
N GLU B 126 12.02 2.40 22.54
CA GLU B 126 10.99 1.57 23.22
C GLU B 126 11.68 0.44 24.00
N LYS B 127 12.73 -0.17 23.43
CA LYS B 127 13.44 -1.30 24.07
C LYS B 127 14.11 -0.85 25.36
N ARG B 128 14.26 0.45 25.64
CA ARG B 128 14.86 0.92 26.92
C ARG B 128 13.78 1.16 27.99
N ARG B 129 12.51 1.19 27.63
CA ARG B 129 11.44 1.45 28.64
C ARG B 129 11.29 0.21 29.54
N LEU B 130 11.23 0.40 30.86
CA LEU B 130 11.24 -0.69 31.85
C LEU B 130 9.91 -1.48 31.87
N THR B 131 8.91 -1.06 31.10
CA THR B 131 7.63 -1.76 30.91
C THR B 131 7.58 -2.46 29.54
N TYR B 132 8.65 -2.35 28.76
CA TYR B 132 8.81 -3.11 27.50
C TYR B 132 8.90 -4.61 27.80
N SER B 133 8.36 -5.43 26.89
CA SER B 133 8.23 -6.90 27.05
C SER B 133 9.55 -7.53 27.49
N HIS B 134 10.69 -7.06 27.00
CA HIS B 134 12.01 -7.63 27.41
C HIS B 134 12.10 -7.60 28.94
N PHE B 135 11.71 -6.48 29.55
CA PHE B 135 11.86 -6.26 31.01
C PHE B 135 10.76 -7.00 31.79
N LEU B 136 9.55 -7.12 31.22
CA LEU B 136 8.45 -7.89 31.84
C LEU B 136 8.90 -9.36 31.90
N LYS B 137 9.69 -9.82 30.93
CA LYS B 137 10.21 -11.20 30.92
C LYS B 137 11.27 -11.31 32.04
N LYS B 138 12.13 -10.31 32.20
CA LYS B 138 13.14 -10.34 33.29
C LYS B 138 12.43 -10.39 34.65
N TYR B 139 11.35 -9.63 34.82
CA TYR B 139 10.57 -9.63 36.09
C TYR B 139 9.96 -11.02 36.30
N GLU B 140 9.44 -11.61 35.23
CA GLU B 140 8.90 -12.99 35.29
C GLU B 140 10.00 -13.98 35.71
N GLU B 141 11.22 -13.81 35.23
CA GLU B 141 12.34 -14.73 35.51
C GLU B 141 12.80 -14.62 36.97
N VAL B 142 12.52 -13.51 37.68
CA VAL B 142 12.89 -13.41 39.12
C VAL B 142 11.65 -13.62 40.02
N MET B 143 10.44 -13.44 39.49
CA MET B 143 9.18 -13.59 40.29
C MET B 143 8.46 -14.92 39.99
N GLY B 144 8.80 -15.64 38.92
CA GLY B 144 7.93 -16.72 38.42
C GLY B 144 6.55 -16.18 38.04
N LYS B 145 5.48 -16.74 38.60
CA LYS B 145 4.09 -16.29 38.27
C LYS B 145 3.35 -15.81 39.52
N GLY B 146 4.02 -15.70 40.67
CA GLY B 146 3.39 -15.35 41.95
C GLY B 146 3.61 -13.89 42.35
N GLY B 147 3.89 -13.00 41.41
CA GLY B 147 4.27 -11.62 41.77
C GLY B 147 3.47 -10.59 41.00
N SER B 148 3.79 -9.32 41.25
CA SER B 148 3.07 -8.19 40.66
C SER B 148 4.08 -7.11 40.32
N ILE B 149 3.65 -6.15 39.51
CA ILE B 149 4.36 -4.88 39.22
C ILE B 149 3.47 -3.73 39.69
N HIS B 150 3.99 -2.89 40.59
CA HIS B 150 3.37 -1.63 41.05
C HIS B 150 4.09 -0.45 40.38
N PHE B 151 3.36 0.31 39.58
CA PHE B 151 3.91 1.27 38.61
C PHE B 151 3.23 2.62 38.84
N LYS B 152 4.03 3.65 39.15
CA LYS B 152 3.55 5.05 39.22
C LYS B 152 4.35 5.87 38.21
N THR B 153 3.68 6.80 37.52
CA THR B 153 4.33 7.81 36.65
C THR B 153 3.40 8.97 36.45
N ASP B 154 3.99 10.15 36.24
CA ASP B 154 3.27 11.36 35.80
C ASP B 154 3.27 11.44 34.27
N ASN B 155 4.00 10.57 33.58
CA ASN B 155 4.18 10.70 32.11
C ASN B 155 3.02 9.98 31.42
N ARG B 156 2.12 10.71 30.77
CA ARG B 156 0.90 10.13 30.18
C ARG B 156 1.27 9.18 29.05
N GLY B 157 2.24 9.57 28.22
CA GLY B 157 2.67 8.73 27.08
C GLY B 157 3.18 7.38 27.55
N LEU B 158 4.09 7.36 28.51
CA LEU B 158 4.66 6.11 29.09
C LEU B 158 3.59 5.28 29.79
N PHE B 159 2.64 5.93 30.48
CA PHE B 159 1.59 5.15 31.16
C PHE B 159 0.68 4.49 30.13
N GLU B 160 0.32 5.22 29.07
CA GLU B 160 -0.52 4.66 27.98
C GLU B 160 0.22 3.48 27.34
N TYR B 161 1.49 3.66 27.00
CA TYR B 161 2.31 2.58 26.39
C TYR B 161 2.32 1.36 27.31
N SER B 162 2.53 1.60 28.61
CA SER B 162 2.71 0.55 29.65
C SER B 162 1.42 -0.26 29.83
N LEU B 163 0.26 0.37 29.90
CA LEU B 163 -1.04 -0.35 29.97
C LEU B 163 -1.14 -1.28 28.76
N LYS B 164 -0.71 -0.81 27.60
CA LYS B 164 -0.82 -1.61 26.36
C LYS B 164 0.21 -2.74 26.40
N SER B 165 1.40 -2.45 26.91
CA SER B 165 2.51 -3.45 26.99
C SER B 165 2.13 -4.56 27.98
N PHE B 166 1.55 -4.18 29.12
CA PHE B 166 1.06 -5.14 30.15
C PHE B 166 0.04 -6.06 29.49
N SER B 167 -0.89 -5.47 28.72
CA SER B 167 -2.03 -6.19 28.10
C SER B 167 -1.48 -7.14 27.04
N GLU B 168 -0.62 -6.69 26.14
CA GLU B 168 -0.02 -7.58 25.12
C GLU B 168 0.72 -8.75 25.80
N TYR B 169 1.40 -8.51 26.91
CA TYR B 169 2.16 -9.54 27.63
C TYR B 169 1.18 -10.53 28.31
N GLY B 170 -0.07 -10.15 28.54
CA GLY B 170 -1.09 -11.05 29.13
C GLY B 170 -1.23 -10.89 30.64
N LEU B 171 -0.74 -9.78 31.22
CA LEU B 171 -0.87 -9.53 32.66
C LEU B 171 -2.29 -9.06 32.96
N LEU B 172 -2.71 -9.26 34.21
CA LEU B 172 -4.04 -8.88 34.71
C LEU B 172 -3.93 -7.52 35.41
N LEU B 173 -4.70 -6.55 34.96
CA LEU B 173 -4.72 -5.20 35.60
C LEU B 173 -5.71 -5.24 36.75
N THR B 174 -5.22 -5.17 37.99
CA THR B 174 -6.06 -5.30 39.22
C THR B 174 -6.23 -3.94 39.90
N TYR B 175 -5.46 -2.93 39.54
CA TYR B 175 -5.61 -1.58 40.13
C TYR B 175 -5.16 -0.59 39.06
N VAL B 176 -5.91 0.49 38.88
CA VAL B 176 -5.49 1.61 37.99
C VAL B 176 -6.09 2.89 38.55
N SER B 177 -5.24 3.91 38.72
CA SER B 177 -5.70 5.26 39.10
C SER B 177 -5.21 6.21 38.01
N LEU B 178 -6.11 7.02 37.47
CA LEU B 178 -5.72 8.04 36.47
C LEU B 178 -5.59 9.41 37.17
N ASP B 179 -5.74 9.46 38.49
CA ASP B 179 -5.41 10.66 39.28
C ASP B 179 -5.12 10.24 40.73
N LEU B 180 -3.92 9.74 40.98
CA LEU B 180 -3.59 9.08 42.26
C LEU B 180 -3.87 10.00 43.44
N HIS B 181 -3.47 11.27 43.37
CA HIS B 181 -3.58 12.17 44.55
C HIS B 181 -5.03 12.57 44.84
N ASN B 182 -5.99 12.21 43.98
CA ASN B 182 -7.45 12.32 44.30
C ASN B 182 -8.08 10.93 44.42
N SER B 183 -7.30 9.88 44.66
CA SER B 183 -7.83 8.48 44.67
C SER B 183 -7.69 7.82 46.04
N ASN B 184 -7.05 8.50 46.98
CA ASN B 184 -7.06 8.11 48.41
C ASN B 184 -6.39 6.73 48.55
N LEU B 185 -5.17 6.56 48.05
CA LEU B 185 -4.37 5.35 48.36
C LEU B 185 -3.81 5.52 49.78
N GLU B 186 -4.20 4.68 50.74
CA GLU B 186 -4.02 4.94 52.20
C GLU B 186 -2.53 5.07 52.57
N GLY B 187 -1.66 4.17 52.15
CA GLY B 187 -0.26 4.23 52.65
C GLY B 187 0.73 4.71 51.61
N ASN B 188 0.31 5.53 50.65
CA ASN B 188 1.14 5.92 49.48
C ASN B 188 2.45 6.52 49.99
N ILE B 189 3.57 5.92 49.61
CA ILE B 189 4.90 6.52 49.85
C ILE B 189 5.31 7.20 48.56
N MET B 190 5.63 8.48 48.63
CA MET B 190 6.04 9.28 47.44
C MET B 190 7.54 9.17 47.20
N THR B 191 7.96 9.31 45.94
CA THR B 191 9.37 9.59 45.59
C THR B 191 9.68 11.08 45.81
N GLU B 192 10.96 11.43 45.76
CA GLU B 192 11.36 12.85 45.85
C GLU B 192 10.59 13.61 44.78
N TYR B 193 10.66 13.16 43.52
CA TYR B 193 10.01 13.81 42.35
C TYR B 193 8.50 13.88 42.55
N GLU B 194 7.89 12.79 43.00
CA GLU B 194 6.43 12.73 43.23
C GLU B 194 6.02 13.85 44.19
N GLU B 195 6.74 14.03 45.30
CA GLU B 195 6.32 14.96 46.38
C GLU B 195 6.45 16.40 45.88
N LYS B 196 7.60 16.75 45.32
CA LYS B 196 7.95 18.14 44.92
C LYS B 196 7.04 18.57 43.77
N PHE B 197 6.95 17.78 42.70
CA PHE B 197 6.36 18.22 41.41
C PHE B 197 4.86 17.85 41.32
N SER B 198 4.22 17.41 42.41
CA SER B 198 2.76 17.12 42.42
C SER B 198 1.98 18.31 42.99
N ALA B 199 2.67 19.40 43.35
CA ALA B 199 2.07 20.71 43.73
C ALA B 199 1.43 21.34 42.48
N LEU B 200 1.89 20.96 41.29
CA LEU B 200 1.37 21.46 39.98
C LEU B 200 -0.10 21.05 39.82
N GLY B 201 -0.50 19.89 40.36
CA GLY B 201 -1.82 19.28 40.13
C GLY B 201 -1.84 18.47 38.85
N GLN B 202 -0.66 18.23 38.27
CA GLN B 202 -0.44 17.27 37.15
C GLN B 202 -0.86 15.88 37.64
N PRO B 203 -1.71 15.16 36.89
CA PRO B 203 -2.16 13.85 37.37
C PRO B 203 -1.01 12.85 37.59
N ILE B 204 -1.11 12.06 38.65
CA ILE B 204 -0.21 10.88 38.83
C ILE B 204 -0.99 9.61 38.44
N TYR B 205 -0.44 8.83 37.52
CA TYR B 205 -1.01 7.53 37.08
C TYR B 205 -0.39 6.38 37.86
N ARG B 206 -1.19 5.37 38.20
CA ARG B 206 -0.72 4.20 38.95
C ARG B 206 -1.44 2.94 38.46
N ALA B 207 -0.67 1.87 38.28
CA ALA B 207 -1.21 0.55 37.91
C ALA B 207 -0.64 -0.50 38.86
N GLU B 208 -1.42 -1.54 39.10
CA GLU B 208 -0.96 -2.81 39.70
C GLU B 208 -1.34 -3.90 38.71
N VAL B 209 -0.36 -4.64 38.22
CA VAL B 209 -0.57 -5.77 37.27
C VAL B 209 0.05 -7.05 37.85
N GLU B 210 -0.54 -8.19 37.55
CA GLU B 210 -0.03 -9.48 38.05
C GLU B 210 -0.13 -10.53 36.94
N TRP B 211 0.50 -11.68 37.18
CA TRP B 211 0.54 -12.81 36.23
C TRP B 211 -0.72 -13.63 36.39
N ARG B 212 -1.22 -14.22 35.29
CA ARG B 212 -2.46 -15.01 35.26
C ARG B 212 -2.09 -16.48 35.49
N THR B 213 -2.65 -17.08 36.54
CA THR B 213 -2.41 -18.49 36.94
C THR B 213 -3.68 -19.28 36.59
N ALA C 9 32.39 -15.54 29.80
CA ALA C 9 32.40 -15.36 28.30
C ALA C 9 32.68 -16.69 27.62
N ASP C 10 33.82 -17.31 27.93
CA ASP C 10 34.16 -18.67 27.42
C ASP C 10 33.16 -19.66 28.03
N ASP C 11 32.80 -19.47 29.30
CA ASP C 11 31.81 -20.35 30.00
C ASP C 11 30.42 -20.02 29.45
N PHE C 12 30.11 -18.73 29.29
CA PHE C 12 28.80 -18.26 28.80
C PHE C 12 28.49 -18.93 27.45
N LEU C 13 29.46 -18.95 26.52
CA LEU C 13 29.30 -19.54 25.17
C LEU C 13 29.24 -21.06 25.25
N ALA C 14 30.00 -21.67 26.16
CA ALA C 14 30.11 -23.13 26.35
C ALA C 14 28.72 -23.68 26.72
N GLU C 15 28.00 -22.98 27.59
CA GLU C 15 26.70 -23.43 28.16
C GLU C 15 25.54 -23.00 27.25
N ASN C 16 25.77 -22.04 26.35
CA ASN C 16 24.77 -21.61 25.34
C ASN C 16 25.17 -22.08 23.95
N ALA C 17 25.71 -23.29 23.86
CA ALA C 17 26.27 -23.89 22.63
C ALA C 17 25.17 -24.31 21.68
N ASP C 18 23.90 -24.21 22.08
CA ASP C 18 22.75 -24.44 21.15
C ASP C 18 22.58 -23.25 20.21
N ILE C 19 23.00 -22.04 20.62
CA ILE C 19 22.96 -20.83 19.76
C ILE C 19 24.34 -20.63 19.11
N ALA C 20 25.38 -20.62 19.96
CA ALA C 20 26.78 -20.40 19.55
C ALA C 20 27.38 -21.75 19.21
N ILE C 21 27.25 -22.17 17.95
CA ILE C 21 27.71 -23.51 17.47
C ILE C 21 29.23 -23.53 17.51
N SER C 22 29.81 -24.38 18.37
CA SER C 22 31.28 -24.52 18.54
C SER C 22 31.86 -25.41 17.44
N ASN C 23 31.05 -26.24 16.80
CA ASN C 23 31.54 -27.24 15.81
C ASN C 23 30.94 -27.00 14.43
N PRO C 24 30.94 -25.76 13.86
CA PRO C 24 30.11 -25.49 12.69
C PRO C 24 30.52 -26.34 11.48
N ALA C 25 31.81 -26.67 11.39
CA ALA C 25 32.34 -27.49 10.28
C ALA C 25 31.61 -28.82 10.26
N ASP C 26 31.14 -29.33 11.40
CA ASP C 26 30.46 -30.66 11.41
C ASP C 26 29.17 -30.59 10.59
N TYR C 27 28.58 -29.42 10.39
CA TYR C 27 27.24 -29.34 9.75
C TYR C 27 27.35 -28.92 8.27
N LYS C 28 28.56 -28.81 7.71
CA LYS C 28 28.69 -28.45 6.28
C LYS C 28 27.80 -29.37 5.44
N GLY C 29 26.94 -28.79 4.60
CA GLY C 29 26.04 -29.55 3.70
C GLY C 29 24.80 -30.04 4.42
N LYS C 30 24.67 -29.89 5.73
CA LYS C 30 23.43 -30.36 6.40
C LYS C 30 22.89 -29.35 7.41
N TRP C 31 23.09 -28.05 7.16
CA TRP C 31 22.56 -27.00 8.06
C TRP C 31 21.05 -27.06 8.17
N ASN C 32 20.35 -27.58 7.15
CA ASN C 32 18.88 -27.71 7.18
C ASN C 32 18.50 -28.60 8.38
N THR C 33 19.32 -29.59 8.72
CA THR C 33 19.04 -30.49 9.87
C THR C 33 19.31 -29.76 11.17
N VAL C 34 20.13 -28.71 11.13
CA VAL C 34 20.38 -27.88 12.35
C VAL C 34 19.13 -27.03 12.61
N PHE C 35 18.56 -26.42 11.57
CA PHE C 35 17.37 -25.55 11.72
C PHE C 35 16.11 -26.41 11.79
N GLY C 36 16.14 -27.61 11.19
CA GLY C 36 14.99 -28.52 11.19
C GLY C 36 13.97 -28.13 10.13
N ASN C 37 14.42 -27.37 9.12
CA ASN C 37 13.57 -26.95 7.99
C ASN C 37 14.47 -26.64 6.79
N ASP C 38 13.87 -26.59 5.60
CA ASP C 38 14.54 -26.30 4.31
C ASP C 38 14.36 -24.82 3.94
N ASN C 39 14.11 -23.94 4.91
CA ASN C 39 13.99 -22.50 4.62
C ASN C 39 15.35 -21.96 4.18
N PRO C 40 15.38 -20.86 3.40
CA PRO C 40 16.65 -20.29 2.97
C PRO C 40 17.47 -19.86 4.19
N ILE C 41 18.77 -20.08 4.13
CA ILE C 41 19.75 -19.56 5.12
C ILE C 41 20.34 -18.26 4.57
N HIS C 42 20.15 -17.15 5.29
CA HIS C 42 20.89 -15.89 5.07
C HIS C 42 21.94 -15.73 6.17
N ILE C 43 23.12 -15.24 5.82
CA ILE C 43 24.16 -15.00 6.85
C ILE C 43 24.45 -13.51 6.94
N GLU C 44 24.99 -13.12 8.08
CA GLU C 44 25.56 -11.78 8.27
C GLU C 44 27.01 -11.97 8.71
N VAL C 45 27.92 -11.35 7.96
CA VAL C 45 29.38 -11.37 8.22
C VAL C 45 29.70 -10.11 9.02
N GLY C 46 30.10 -10.27 10.28
CA GLY C 46 30.33 -9.15 11.20
C GLY C 46 29.06 -8.77 11.94
N THR C 47 28.52 -9.69 12.73
CA THR C 47 27.25 -9.50 13.49
C THR C 47 27.40 -8.34 14.47
N GLY C 48 28.58 -8.15 15.07
CA GLY C 48 28.72 -7.22 16.21
C GLY C 48 27.90 -7.70 17.41
N LYS C 49 27.27 -6.76 18.13
CA LYS C 49 26.46 -7.06 19.35
C LYS C 49 25.08 -7.65 19.00
N GLY C 50 24.72 -7.75 17.72
CA GLY C 50 23.67 -8.68 17.24
C GLY C 50 22.25 -8.10 17.24
N GLN C 51 22.08 -6.78 17.28
CA GLN C 51 20.72 -6.19 17.16
C GLN C 51 20.16 -6.50 15.77
N PHE C 52 21.00 -6.44 14.73
CA PHE C 52 20.52 -6.56 13.34
C PHE C 52 20.00 -7.99 13.11
N ILE C 53 20.77 -9.00 13.45
CA ILE C 53 20.41 -10.40 13.08
C ILE C 53 19.22 -10.89 13.94
N SER C 54 19.12 -10.48 15.20
CA SER C 54 17.97 -10.87 16.05
C SER C 54 16.73 -10.09 15.60
N GLY C 55 16.86 -8.85 15.16
CA GLY C 55 15.75 -8.10 14.52
C GLY C 55 15.24 -8.72 13.24
N MET C 56 16.15 -9.18 12.37
CA MET C 56 15.82 -9.87 11.10
C MET C 56 15.21 -11.24 11.40
N ALA C 57 15.66 -11.92 12.45
CA ALA C 57 15.20 -13.30 12.77
C ALA C 57 13.73 -13.25 13.21
N LYS C 58 13.36 -12.19 13.93
CA LYS C 58 11.97 -12.00 14.43
C LYS C 58 11.10 -11.45 13.29
N GLN C 59 11.65 -10.61 12.44
CA GLN C 59 10.90 -10.05 11.30
C GLN C 59 10.58 -11.17 10.31
N ASN C 60 11.49 -12.13 10.11
CA ASN C 60 11.39 -13.11 9.00
C ASN C 60 11.55 -14.53 9.53
N PRO C 61 10.54 -15.07 10.25
CA PRO C 61 10.71 -16.37 10.90
C PRO C 61 10.81 -17.52 9.91
N ASP C 62 10.43 -17.27 8.65
CA ASP C 62 10.53 -18.27 7.55
C ASP C 62 11.89 -18.17 6.85
N ILE C 63 12.85 -17.48 7.47
CA ILE C 63 14.27 -17.46 7.01
C ILE C 63 15.13 -17.90 8.19
N ASN C 64 16.15 -18.70 7.89
CA ASN C 64 17.17 -19.12 8.89
C ASN C 64 18.36 -18.19 8.78
N TYR C 65 18.83 -17.67 9.90
CA TYR C 65 19.94 -16.69 9.96
C TYR C 65 21.11 -17.32 10.70
N ILE C 66 22.30 -17.11 10.16
CA ILE C 66 23.58 -17.46 10.84
C ILE C 66 24.44 -16.20 10.88
N GLY C 67 24.73 -15.72 12.08
CA GLY C 67 25.64 -14.58 12.32
C GLY C 67 27.08 -15.04 12.48
N ILE C 68 27.99 -14.40 11.75
CA ILE C 68 29.46 -14.61 11.84
C ILE C 68 30.06 -13.44 12.61
N GLU C 69 30.80 -13.73 13.69
CA GLU C 69 31.46 -12.66 14.49
C GLU C 69 32.75 -13.21 15.10
N LEU C 70 33.88 -12.66 14.67
CA LEU C 70 35.22 -13.17 15.04
C LEU C 70 35.51 -12.66 16.46
N PHE C 71 35.01 -11.48 16.81
CA PHE C 71 35.36 -10.81 18.08
C PHE C 71 34.57 -11.45 19.22
N LYS C 72 35.22 -12.33 20.00
CA LYS C 72 34.52 -13.14 21.04
C LYS C 72 33.86 -12.21 22.05
N SER C 73 34.48 -11.08 22.38
CA SER C 73 33.93 -10.08 23.35
C SER C 73 32.50 -9.65 22.95
N VAL C 74 32.22 -9.39 21.67
CA VAL C 74 30.89 -8.86 21.26
C VAL C 74 29.93 -10.00 20.87
N ILE C 75 30.43 -11.13 20.38
CA ILE C 75 29.53 -12.27 20.04
C ILE C 75 28.81 -12.73 21.31
N VAL C 76 29.42 -12.58 22.49
CA VAL C 76 28.76 -13.00 23.76
C VAL C 76 27.52 -12.11 23.95
N THR C 77 27.61 -10.81 23.61
CA THR C 77 26.46 -9.87 23.59
C THR C 77 25.42 -10.27 22.53
N ALA C 78 25.83 -10.80 21.37
CA ALA C 78 24.91 -11.25 20.29
C ALA C 78 24.15 -12.49 20.77
N VAL C 79 24.85 -13.42 21.45
CA VAL C 79 24.18 -14.63 22.01
C VAL C 79 23.09 -14.15 22.98
N GLN C 80 23.37 -13.15 23.81
CA GLN C 80 22.38 -12.64 24.79
C GLN C 80 21.20 -12.00 24.06
N LYS C 81 21.45 -11.17 23.03
CA LYS C 81 20.35 -10.51 22.27
C LYS C 81 19.52 -11.56 21.55
N VAL C 82 20.17 -12.58 20.97
CA VAL C 82 19.45 -13.70 20.30
C VAL C 82 18.61 -14.43 21.35
N LYS C 83 19.16 -14.64 22.56
CA LYS C 83 18.47 -15.35 23.66
C LYS C 83 17.25 -14.52 24.11
N ASP C 84 17.40 -13.19 24.22
CA ASP C 84 16.30 -12.27 24.65
C ASP C 84 15.17 -12.30 23.59
N SER C 85 15.50 -12.47 22.30
CA SER C 85 14.53 -12.40 21.17
C SER C 85 13.60 -13.61 21.21
N GLU C 86 14.06 -14.75 21.72
CA GLU C 86 13.33 -16.04 21.74
C GLU C 86 13.20 -16.59 20.30
N ALA C 87 13.88 -15.97 19.31
CA ALA C 87 13.92 -16.49 17.92
C ALA C 87 14.62 -17.86 17.90
N GLN C 88 14.07 -18.82 17.17
CA GLN C 88 14.62 -20.20 17.09
C GLN C 88 15.34 -20.38 15.73
N ASN C 89 15.43 -19.32 14.94
CA ASN C 89 15.86 -19.36 13.52
C ASN C 89 17.17 -18.58 13.38
N VAL C 90 18.00 -18.57 14.43
CA VAL C 90 19.29 -17.81 14.47
C VAL C 90 20.35 -18.60 15.23
N LYS C 91 21.49 -18.84 14.58
CA LYS C 91 22.72 -19.36 15.21
C LYS C 91 23.82 -18.33 15.05
N LEU C 92 24.86 -18.44 15.88
CA LEU C 92 26.03 -17.54 15.81
C LEU C 92 27.34 -18.37 15.78
N LEU C 93 28.23 -18.04 14.86
CA LEU C 93 29.51 -18.76 14.68
C LEU C 93 30.65 -17.79 14.96
N ASN C 94 31.54 -18.20 15.86
CA ASN C 94 32.72 -17.41 16.28
C ASN C 94 33.88 -17.72 15.31
N ILE C 95 33.73 -17.32 14.04
CA ILE C 95 34.71 -17.57 12.96
C ILE C 95 34.89 -16.31 12.13
N ASP C 96 35.86 -16.33 11.22
CA ASP C 96 36.12 -15.23 10.24
C ASP C 96 35.49 -15.59 8.90
N ALA C 97 35.54 -14.67 7.94
CA ALA C 97 34.92 -14.85 6.62
C ALA C 97 35.63 -15.96 5.83
N ASP C 98 36.94 -16.15 6.06
CA ASP C 98 37.74 -17.16 5.30
C ASP C 98 37.26 -18.55 5.68
N THR C 99 36.70 -18.72 6.87
CA THR C 99 36.24 -20.05 7.36
C THR C 99 34.88 -20.44 6.74
N LEU C 100 34.18 -19.51 6.08
CA LEU C 100 32.81 -19.80 5.55
C LEU C 100 32.84 -21.06 4.69
N THR C 101 33.87 -21.24 3.88
CA THR C 101 33.96 -22.39 2.95
C THR C 101 34.20 -23.70 3.71
N ASP C 102 34.64 -23.64 4.96
CA ASP C 102 34.75 -24.85 5.84
C ASP C 102 33.38 -25.19 6.44
N VAL C 103 32.41 -24.28 6.37
CA VAL C 103 31.14 -24.42 7.13
C VAL C 103 30.00 -24.66 6.15
N PHE C 104 30.04 -24.10 4.94
CA PHE C 104 28.90 -24.22 3.99
C PHE C 104 29.32 -24.79 2.65
N GLU C 105 28.48 -25.67 2.09
CA GLU C 105 28.57 -26.16 0.70
C GLU C 105 28.06 -25.06 -0.24
N PRO C 106 28.50 -25.03 -1.51
CA PRO C 106 28.00 -24.04 -2.46
C PRO C 106 26.48 -24.19 -2.57
N GLY C 107 25.74 -23.08 -2.50
CA GLY C 107 24.26 -23.02 -2.59
C GLY C 107 23.58 -23.15 -1.24
N GLU C 108 24.31 -23.43 -0.17
CA GLU C 108 23.71 -23.64 1.17
C GLU C 108 23.33 -22.28 1.77
N VAL C 109 24.00 -21.21 1.32
CA VAL C 109 23.68 -19.81 1.73
C VAL C 109 23.04 -19.10 0.53
N LYS C 110 21.99 -18.32 0.80
CA LYS C 110 21.21 -17.60 -0.24
C LYS C 110 21.51 -16.11 -0.23
N ARG C 111 22.09 -15.57 0.84
CA ARG C 111 22.34 -14.11 0.90
C ARG C 111 23.40 -13.85 1.96
N VAL C 112 24.19 -12.82 1.71
CA VAL C 112 25.20 -12.33 2.67
C VAL C 112 24.80 -10.91 3.06
N TYR C 113 24.73 -10.67 4.37
CA TYR C 113 24.53 -9.29 4.91
C TYR C 113 25.90 -8.76 5.36
N LEU C 114 26.26 -7.59 4.82
CA LEU C 114 27.42 -6.81 5.30
C LEU C 114 26.90 -5.49 5.85
N ASN C 115 27.24 -5.17 7.10
CA ASN C 115 26.71 -3.98 7.80
C ASN C 115 27.88 -3.29 8.47
N PHE C 116 28.20 -2.09 7.99
CA PHE C 116 29.21 -1.18 8.58
C PHE C 116 30.53 -1.91 8.76
N SER C 117 30.92 -2.73 7.78
CA SER C 117 32.24 -3.42 7.76
C SER C 117 33.38 -2.41 7.88
N ASP C 118 34.51 -2.86 8.40
CA ASP C 118 35.70 -2.00 8.64
C ASP C 118 36.17 -1.47 7.29
N PRO C 119 36.32 -0.14 7.09
CA PRO C 119 36.63 0.42 5.78
C PRO C 119 38.06 0.18 5.29
N TRP C 120 39.01 -0.04 6.18
CA TRP C 120 40.44 -0.22 5.84
C TRP C 120 40.86 0.74 4.72
N PRO C 121 40.78 2.08 4.94
CA PRO C 121 40.88 3.05 3.84
C PRO C 121 42.26 3.17 3.18
N LYS C 122 43.31 2.69 3.81
CA LYS C 122 44.66 2.73 3.18
C LYS C 122 44.78 1.70 2.06
N LYS C 123 45.51 2.08 0.99
CA LYS C 123 45.72 1.26 -0.22
C LYS C 123 46.31 -0.09 0.13
N ARG C 124 47.25 -0.13 1.08
CA ARG C 124 47.95 -1.38 1.45
C ARG C 124 46.99 -2.32 2.19
N HIS C 125 45.84 -1.85 2.69
CA HIS C 125 44.88 -2.74 3.43
C HIS C 125 43.66 -3.09 2.58
N GLU C 126 43.70 -2.88 1.26
CA GLU C 126 42.53 -3.14 0.36
C GLU C 126 42.06 -4.58 0.57
N LYS C 127 42.98 -5.54 0.64
CA LYS C 127 42.66 -6.99 0.66
C LYS C 127 41.94 -7.38 1.97
N ARG C 128 41.91 -6.50 2.97
CA ARG C 128 41.21 -6.73 4.26
C ARG C 128 39.76 -6.25 4.22
N ARG C 129 39.37 -5.53 3.15
CA ARG C 129 37.96 -5.07 2.99
C ARG C 129 37.09 -6.28 2.67
N LEU C 130 35.95 -6.40 3.35
CA LEU C 130 35.02 -7.53 3.16
C LEU C 130 34.28 -7.43 1.83
N THR C 131 34.49 -6.37 1.04
CA THR C 131 33.96 -6.26 -0.35
C THR C 131 35.08 -6.43 -1.38
N TYR C 132 36.30 -6.71 -0.96
CA TYR C 132 37.42 -7.06 -1.86
C TYR C 132 37.14 -8.40 -2.58
N SER C 133 37.66 -8.54 -3.79
CA SER C 133 37.40 -9.67 -4.72
C SER C 133 37.61 -11.03 -4.04
N HIS C 134 38.55 -11.13 -3.10
CA HIS C 134 38.87 -12.42 -2.44
C HIS C 134 37.64 -12.85 -1.62
N PHE C 135 36.99 -11.90 -0.95
CA PHE C 135 35.81 -12.22 -0.11
C PHE C 135 34.57 -12.41 -0.98
N LEU C 136 34.45 -11.66 -2.08
CA LEU C 136 33.37 -11.91 -3.08
C LEU C 136 33.44 -13.38 -3.54
N LYS C 137 34.64 -13.92 -3.76
CA LYS C 137 34.78 -15.33 -4.17
C LYS C 137 34.39 -16.28 -3.02
N LYS C 138 34.76 -15.97 -1.79
CA LYS C 138 34.31 -16.75 -0.62
C LYS C 138 32.78 -16.80 -0.58
N TYR C 139 32.11 -15.66 -0.79
CA TYR C 139 30.63 -15.57 -0.75
C TYR C 139 30.06 -16.39 -1.93
N GLU C 140 30.72 -16.34 -3.08
CA GLU C 140 30.29 -17.14 -4.24
C GLU C 140 30.39 -18.63 -3.91
N GLU C 141 31.44 -19.02 -3.18
CA GLU C 141 31.73 -20.45 -2.91
C GLU C 141 30.69 -20.98 -1.93
N VAL C 142 30.00 -20.13 -1.16
CA VAL C 142 28.91 -20.60 -0.25
C VAL C 142 27.53 -20.34 -0.84
N MET C 143 27.38 -19.42 -1.78
CA MET C 143 26.06 -19.13 -2.40
C MET C 143 25.88 -19.80 -3.76
N GLY C 144 26.96 -20.19 -4.42
CA GLY C 144 26.89 -20.78 -5.76
C GLY C 144 26.22 -19.83 -6.73
N LYS C 145 25.21 -20.32 -7.44
CA LYS C 145 24.50 -19.54 -8.49
C LYS C 145 23.52 -18.53 -7.87
N GLY C 146 23.30 -17.43 -8.57
CA GLY C 146 22.44 -16.38 -8.01
C GLY C 146 23.04 -15.98 -6.67
N GLY C 147 22.25 -15.87 -5.60
CA GLY C 147 22.82 -15.37 -4.33
C GLY C 147 23.01 -13.87 -4.39
N SER C 148 22.88 -13.19 -3.26
CA SER C 148 22.92 -11.71 -3.21
C SER C 148 23.79 -11.23 -2.06
N ILE C 149 24.23 -9.98 -2.16
CA ILE C 149 24.88 -9.26 -1.02
C ILE C 149 24.09 -8.00 -0.74
N HIS C 150 23.66 -7.82 0.52
CA HIS C 150 22.96 -6.62 1.02
C HIS C 150 23.94 -5.86 1.91
N PHE C 151 24.39 -4.71 1.44
CA PHE C 151 25.48 -3.94 2.06
C PHE C 151 24.94 -2.60 2.55
N LYS C 152 25.22 -2.27 3.80
CA LYS C 152 24.95 -0.92 4.37
C LYS C 152 26.22 -0.42 5.07
N THR C 153 26.54 0.86 4.87
CA THR C 153 27.68 1.52 5.52
C THR C 153 27.41 3.02 5.56
N ASP C 154 28.04 3.70 6.51
CA ASP C 154 28.10 5.18 6.52
C ASP C 154 29.39 5.67 5.86
N ASN C 155 30.33 4.80 5.53
CA ASN C 155 31.68 5.23 5.04
C ASN C 155 31.62 5.45 3.53
N ARG C 156 31.67 6.70 3.08
CA ARG C 156 31.61 7.08 1.65
C ARG C 156 32.74 6.37 0.90
N GLY C 157 33.96 6.45 1.42
CA GLY C 157 35.14 5.84 0.79
C GLY C 157 34.91 4.36 0.57
N LEU C 158 34.40 3.64 1.58
CA LEU C 158 34.24 2.18 1.44
C LEU C 158 33.11 1.90 0.45
N PHE C 159 32.05 2.71 0.45
CA PHE C 159 30.87 2.46 -0.42
C PHE C 159 31.28 2.65 -1.88
N GLU C 160 31.99 3.74 -2.17
CA GLU C 160 32.60 4.02 -3.49
C GLU C 160 33.45 2.82 -3.94
N TYR C 161 34.43 2.45 -3.12
CA TYR C 161 35.30 1.29 -3.40
C TYR C 161 34.46 0.05 -3.71
N SER C 162 33.39 -0.19 -2.95
CA SER C 162 32.60 -1.44 -3.00
C SER C 162 31.78 -1.46 -4.30
N LEU C 163 31.21 -0.31 -4.68
CA LEU C 163 30.44 -0.27 -5.96
C LEU C 163 31.38 -0.71 -7.10
N LYS C 164 32.65 -0.25 -7.08
CA LYS C 164 33.64 -0.52 -8.16
C LYS C 164 34.09 -1.97 -8.08
N SER C 165 34.34 -2.47 -6.87
CA SER C 165 34.78 -3.87 -6.60
C SER C 165 33.68 -4.81 -7.08
N PHE C 166 32.42 -4.53 -6.69
CA PHE C 166 31.22 -5.26 -7.16
C PHE C 166 31.16 -5.23 -8.69
N SER C 167 31.34 -4.05 -9.28
CA SER C 167 31.25 -3.90 -10.75
C SER C 167 32.37 -4.71 -11.41
N GLU C 168 33.60 -4.60 -10.89
CA GLU C 168 34.77 -5.28 -11.49
C GLU C 168 34.54 -6.79 -11.43
N TYR C 169 33.93 -7.30 -10.35
CA TYR C 169 33.72 -8.75 -10.15
C TYR C 169 32.63 -9.29 -11.11
N GLY C 170 31.75 -8.44 -11.64
CA GLY C 170 30.69 -8.81 -12.59
C GLY C 170 29.32 -8.86 -11.94
N LEU C 171 29.14 -8.32 -10.73
CA LEU C 171 27.84 -8.44 -10.03
C LEU C 171 26.83 -7.43 -10.61
N LEU C 172 25.55 -7.74 -10.49
CA LEU C 172 24.46 -6.85 -10.94
C LEU C 172 23.93 -6.04 -9.75
N LEU C 173 23.98 -4.74 -9.89
CA LEU C 173 23.42 -3.79 -8.89
C LEU C 173 21.91 -3.64 -9.11
N THR C 174 21.10 -4.17 -8.19
CA THR C 174 19.62 -4.17 -8.31
C THR C 174 19.02 -3.14 -7.37
N TYR C 175 19.72 -2.75 -6.31
CA TYR C 175 19.24 -1.69 -5.39
C TYR C 175 20.41 -0.80 -5.02
N VAL C 176 20.23 0.51 -5.11
CA VAL C 176 21.24 1.44 -4.52
C VAL C 176 20.50 2.62 -3.85
N SER C 177 20.86 2.94 -2.63
CA SER C 177 20.42 4.18 -1.96
C SER C 177 21.66 4.94 -1.47
N LEU C 178 21.73 6.21 -1.80
CA LEU C 178 22.81 7.09 -1.32
C LEU C 178 22.34 7.94 -0.14
N ASP C 179 21.19 7.59 0.46
CA ASP C 179 20.64 8.29 1.66
C ASP C 179 19.51 7.43 2.26
N LEU C 180 19.87 6.30 2.83
CA LEU C 180 18.90 5.23 3.18
C LEU C 180 17.77 5.80 4.06
N HIS C 181 18.09 6.67 5.02
CA HIS C 181 17.12 7.08 6.06
C HIS C 181 16.16 8.12 5.50
N ASN C 182 16.39 8.60 4.27
CA ASN C 182 15.45 9.48 3.53
C ASN C 182 14.86 8.76 2.32
N SER C 183 14.88 7.43 2.28
CA SER C 183 14.56 6.62 1.08
C SER C 183 13.47 5.59 1.38
N ASN C 184 12.92 5.62 2.58
CA ASN C 184 11.73 4.80 2.93
C ASN C 184 11.95 3.34 2.51
N LEU C 185 12.98 2.67 3.06
CA LEU C 185 13.10 1.20 2.91
C LEU C 185 12.25 0.55 4.01
N GLU C 186 11.06 0.07 3.67
CA GLU C 186 10.12 -0.50 4.67
C GLU C 186 10.77 -1.74 5.30
N GLY C 187 10.70 -1.87 6.62
CA GLY C 187 11.23 -3.02 7.36
C GLY C 187 12.74 -2.99 7.48
N ASN C 188 13.38 -1.85 7.25
CA ASN C 188 14.83 -1.70 7.48
C ASN C 188 15.11 -2.00 8.96
N ILE C 189 15.95 -3.00 9.23
CA ILE C 189 16.43 -3.27 10.60
C ILE C 189 17.80 -2.60 10.75
N MET C 190 17.94 -1.76 11.76
CA MET C 190 19.17 -0.99 12.02
C MET C 190 20.09 -1.78 12.95
N THR C 191 21.38 -1.62 12.73
CA THR C 191 22.42 -2.03 13.70
C THR C 191 22.43 -1.02 14.83
N GLU C 192 23.13 -1.33 15.92
CA GLU C 192 23.32 -0.42 17.07
C GLU C 192 23.92 0.90 16.54
N TYR C 193 24.97 0.80 15.72
CA TYR C 193 25.70 1.97 15.18
C TYR C 193 24.75 2.82 14.32
N GLU C 194 24.03 2.19 13.38
CA GLU C 194 23.08 2.87 12.45
C GLU C 194 22.04 3.69 13.22
N GLU C 195 21.51 3.17 14.35
CA GLU C 195 20.47 3.86 15.15
C GLU C 195 20.98 5.23 15.61
N LYS C 196 22.25 5.31 16.01
CA LYS C 196 22.92 6.56 16.48
C LYS C 196 23.14 7.50 15.29
N PHE C 197 23.58 6.95 14.15
CA PHE C 197 24.00 7.74 12.96
C PHE C 197 22.78 8.42 12.30
N SER C 198 21.58 7.96 12.62
CA SER C 198 20.30 8.56 12.11
C SER C 198 20.15 9.99 12.66
N ALA C 199 20.55 10.22 13.92
CA ALA C 199 20.49 11.54 14.59
C ALA C 199 21.44 12.51 13.89
N LEU C 200 22.64 12.02 13.53
CA LEU C 200 23.65 12.88 12.86
C LEU C 200 22.96 13.44 11.60
N GLY C 201 22.35 12.60 10.74
CA GLY C 201 21.79 13.00 9.42
C GLY C 201 22.83 12.93 8.32
N GLN C 202 24.02 12.40 8.61
CA GLN C 202 25.01 12.01 7.56
C GLN C 202 24.42 10.80 6.85
N PRO C 203 24.57 10.71 5.52
CA PRO C 203 23.88 9.67 4.76
C PRO C 203 24.36 8.25 5.14
N ILE C 204 23.42 7.30 5.14
CA ILE C 204 23.71 5.84 5.20
C ILE C 204 23.55 5.31 3.78
N TYR C 205 24.58 4.61 3.27
CA TYR C 205 24.56 4.08 1.90
C TYR C 205 24.15 2.62 1.95
N ARG C 206 23.42 2.17 0.94
CA ARG C 206 22.94 0.78 0.84
C ARG C 206 23.01 0.30 -0.60
N ALA C 207 23.42 -0.96 -0.78
CA ALA C 207 23.45 -1.65 -2.08
C ALA C 207 22.93 -3.08 -1.93
N GLU C 208 22.19 -3.54 -2.92
CA GLU C 208 21.99 -5.00 -3.15
C GLU C 208 22.65 -5.33 -4.49
N VAL C 209 23.55 -6.31 -4.46
CA VAL C 209 24.18 -6.86 -5.68
C VAL C 209 23.92 -8.38 -5.75
N GLU C 210 23.70 -8.90 -6.95
CA GLU C 210 23.49 -10.34 -7.17
C GLU C 210 24.40 -10.88 -8.28
N TRP C 211 24.61 -12.18 -8.21
CA TRP C 211 25.34 -12.95 -9.24
C TRP C 211 24.45 -13.04 -10.47
N ARG C 212 25.04 -12.87 -11.65
CA ARG C 212 24.29 -12.92 -12.93
C ARG C 212 24.02 -14.39 -13.26
N THR C 213 22.76 -14.69 -13.56
CA THR C 213 22.25 -16.07 -13.85
C THR C 213 21.35 -16.04 -15.10
N ASP D 11 20.31 34.06 -39.76
CA ASP D 11 20.30 33.79 -38.29
C ASP D 11 21.69 34.07 -37.72
N PHE D 12 21.81 34.09 -36.40
CA PHE D 12 23.11 34.22 -35.68
C PHE D 12 23.97 32.98 -35.94
N LEU D 13 23.31 31.82 -36.00
CA LEU D 13 23.98 30.52 -36.25
C LEU D 13 24.55 30.49 -37.67
N ALA D 14 23.85 31.08 -38.65
CA ALA D 14 24.28 31.12 -40.08
C ALA D 14 25.57 31.93 -40.21
N GLU D 15 25.72 32.98 -39.39
CA GLU D 15 26.94 33.84 -39.34
C GLU D 15 28.12 33.09 -38.72
N ASN D 16 27.84 32.15 -37.81
CA ASN D 16 28.90 31.38 -37.09
C ASN D 16 28.78 29.89 -37.44
N ALA D 17 28.64 29.58 -38.73
CA ALA D 17 28.40 28.21 -39.25
C ALA D 17 29.70 27.39 -39.28
N ASP D 18 30.82 28.03 -38.95
CA ASP D 18 32.13 27.36 -38.71
C ASP D 18 32.13 26.68 -37.33
N ILE D 19 31.30 27.13 -36.38
CA ILE D 19 31.16 26.55 -35.00
C ILE D 19 29.86 25.75 -34.91
N ALA D 20 28.75 26.35 -35.33
CA ALA D 20 27.44 25.67 -35.41
C ALA D 20 27.29 24.98 -36.76
N ILE D 21 27.44 23.67 -36.81
CA ILE D 21 27.41 22.91 -38.10
C ILE D 21 25.96 22.52 -38.34
N SER D 22 25.39 23.03 -39.44
CA SER D 22 23.94 22.94 -39.73
C SER D 22 23.65 21.62 -40.42
N ASN D 23 24.66 20.97 -40.97
CA ASN D 23 24.49 19.68 -41.67
C ASN D 23 25.47 18.64 -41.13
N PRO D 24 25.44 18.30 -39.82
CA PRO D 24 26.43 17.38 -39.25
C PRO D 24 26.40 15.98 -39.91
N ALA D 25 25.25 15.59 -40.45
CA ALA D 25 25.06 14.26 -41.08
C ALA D 25 25.99 14.12 -42.30
N ASP D 26 26.41 15.23 -42.92
CA ASP D 26 27.31 15.20 -44.10
C ASP D 26 28.72 14.75 -43.72
N TYR D 27 29.09 14.80 -42.44
CA TYR D 27 30.48 14.60 -41.97
C TYR D 27 30.64 13.25 -41.29
N LYS D 28 29.63 12.40 -41.33
CA LYS D 28 29.69 11.06 -40.69
C LYS D 28 30.85 10.26 -41.27
N GLY D 29 31.78 9.80 -40.42
CA GLY D 29 32.99 9.08 -40.82
C GLY D 29 34.11 10.02 -41.27
N LYS D 30 33.86 11.33 -41.35
CA LYS D 30 34.83 12.33 -41.88
C LYS D 30 34.99 13.51 -40.91
N TRP D 31 34.70 13.34 -39.63
CA TRP D 31 34.85 14.47 -38.68
C TRP D 31 36.32 14.88 -38.56
N ASN D 32 37.26 13.96 -38.79
CA ASN D 32 38.71 14.35 -38.78
C ASN D 32 38.96 15.42 -39.86
N THR D 33 38.17 15.47 -40.94
CA THR D 33 38.34 16.46 -42.04
C THR D 33 37.80 17.80 -41.59
N VAL D 34 36.83 17.81 -40.67
CA VAL D 34 36.30 19.08 -40.10
C VAL D 34 37.36 19.72 -39.19
N PHE D 35 37.94 18.95 -38.28
CA PHE D 35 38.95 19.47 -37.30
C PHE D 35 40.35 19.53 -37.92
N GLY D 36 40.63 18.68 -38.91
CA GLY D 36 41.92 18.68 -39.64
C GLY D 36 42.96 17.87 -38.91
N ASN D 37 42.55 16.98 -38.02
CA ASN D 37 43.49 16.16 -37.23
C ASN D 37 42.74 14.93 -36.72
N ASP D 38 43.48 13.96 -36.20
CA ASP D 38 42.93 12.68 -35.72
C ASP D 38 42.81 12.74 -34.19
N ASN D 39 42.74 13.92 -33.58
CA ASN D 39 42.52 13.98 -32.11
C ASN D 39 41.26 13.19 -31.75
N PRO D 40 41.21 12.47 -30.61
CA PRO D 40 39.98 11.82 -30.17
C PRO D 40 38.84 12.85 -30.03
N ILE D 41 37.65 12.45 -30.47
CA ILE D 41 36.40 13.26 -30.39
C ILE D 41 35.62 12.84 -29.14
N HIS D 42 35.39 13.81 -28.25
CA HIS D 42 34.54 13.68 -27.05
C HIS D 42 33.28 14.52 -27.30
N ILE D 43 32.12 13.99 -26.95
CA ILE D 43 30.84 14.73 -27.15
C ILE D 43 30.20 15.01 -25.79
N GLU D 44 29.46 16.12 -25.73
CA GLU D 44 28.53 16.40 -24.61
C GLU D 44 27.10 16.36 -25.16
N VAL D 45 26.25 15.55 -24.51
CA VAL D 45 24.80 15.50 -24.79
C VAL D 45 24.08 16.48 -23.84
N GLY D 46 23.52 17.56 -24.38
CA GLY D 46 22.84 18.61 -23.61
C GLY D 46 23.82 19.61 -23.05
N THR D 47 24.47 20.39 -23.93
CA THR D 47 25.54 21.31 -23.51
C THR D 47 24.97 22.50 -22.75
N GLY D 48 23.70 22.86 -22.99
CA GLY D 48 23.15 24.09 -22.39
C GLY D 48 23.94 25.28 -22.92
N LYS D 49 24.26 26.25 -22.08
CA LYS D 49 24.86 27.54 -22.50
C LYS D 49 26.37 27.42 -22.70
N GLY D 50 26.95 26.22 -22.56
CA GLY D 50 28.25 25.86 -23.14
C GLY D 50 29.44 26.15 -22.23
N GLN D 51 29.24 26.47 -20.96
CA GLN D 51 30.40 26.81 -20.08
C GLN D 51 31.28 25.57 -19.96
N PHE D 52 30.68 24.40 -19.81
CA PHE D 52 31.45 23.17 -19.59
C PHE D 52 32.28 22.89 -20.85
N ILE D 53 31.64 22.86 -22.00
CA ILE D 53 32.32 22.33 -23.22
C ILE D 53 33.40 23.35 -23.64
N SER D 54 33.16 24.65 -23.41
CA SER D 54 34.15 25.74 -23.63
C SER D 54 35.36 25.54 -22.73
N GLY D 55 35.12 25.28 -21.45
CA GLY D 55 36.17 25.06 -20.45
C GLY D 55 36.97 23.81 -20.76
N MET D 56 36.31 22.75 -21.24
CA MET D 56 36.97 21.46 -21.54
C MET D 56 37.89 21.65 -22.76
N ALA D 57 37.39 22.29 -23.81
CA ALA D 57 38.16 22.58 -25.05
C ALA D 57 39.41 23.42 -24.74
N LYS D 58 39.30 24.43 -23.89
CA LYS D 58 40.46 25.26 -23.47
C LYS D 58 41.46 24.40 -22.70
N GLN D 59 40.96 23.61 -21.75
CA GLN D 59 41.80 22.73 -20.91
C GLN D 59 42.53 21.72 -21.78
N ASN D 60 41.90 21.19 -22.84
CA ASN D 60 42.38 19.99 -23.58
C ASN D 60 42.44 20.29 -25.07
N PRO D 61 43.41 21.12 -25.53
CA PRO D 61 43.56 21.42 -26.95
C PRO D 61 43.83 20.19 -27.83
N ASP D 62 44.29 19.09 -27.22
CA ASP D 62 44.57 17.79 -27.87
C ASP D 62 43.29 16.94 -28.01
N ILE D 63 42.12 17.49 -27.68
CA ILE D 63 40.83 16.75 -27.83
C ILE D 63 39.88 17.63 -28.64
N ASN D 64 39.17 17.01 -29.59
CA ASN D 64 38.10 17.65 -30.40
C ASN D 64 36.78 17.40 -29.69
N TYR D 65 36.11 18.48 -29.30
CA TYR D 65 34.83 18.47 -28.56
C TYR D 65 33.67 18.80 -29.52
N ILE D 66 32.59 18.05 -29.38
CA ILE D 66 31.34 18.29 -30.14
C ILE D 66 30.17 18.25 -29.17
N GLY D 67 29.56 19.41 -28.93
CA GLY D 67 28.41 19.58 -28.03
C GLY D 67 27.08 19.55 -28.76
N ILE D 68 26.08 18.88 -28.20
CA ILE D 68 24.74 18.81 -28.84
C ILE D 68 23.73 19.44 -27.87
N GLU D 69 22.79 20.19 -28.44
CA GLU D 69 21.81 21.00 -27.69
C GLU D 69 20.54 21.06 -28.54
N LEU D 70 19.41 20.69 -27.95
CA LEU D 70 18.14 20.57 -28.70
C LEU D 70 17.55 21.96 -28.97
N PHE D 71 17.75 22.90 -28.06
CA PHE D 71 17.10 24.23 -28.13
C PHE D 71 18.03 25.26 -28.78
N LYS D 72 17.60 25.84 -29.91
CA LYS D 72 18.34 26.93 -30.61
C LYS D 72 18.52 28.15 -29.70
N SER D 73 17.55 28.43 -28.83
CA SER D 73 17.56 29.63 -27.93
C SER D 73 18.69 29.52 -26.92
N VAL D 74 19.18 28.30 -26.72
CA VAL D 74 20.24 27.98 -25.71
C VAL D 74 21.58 27.85 -26.43
N ILE D 75 21.58 27.18 -27.57
CA ILE D 75 22.83 26.85 -28.31
C ILE D 75 23.49 28.15 -28.76
N VAL D 76 22.69 29.21 -28.99
CA VAL D 76 23.22 30.53 -29.46
C VAL D 76 24.19 31.06 -28.40
N THR D 77 23.86 30.86 -27.12
CA THR D 77 24.74 31.28 -26.00
C THR D 77 26.01 30.42 -25.98
N ALA D 78 25.87 29.11 -26.18
CA ALA D 78 27.01 28.17 -26.24
C ALA D 78 27.97 28.62 -27.36
N VAL D 79 27.43 28.99 -28.51
CA VAL D 79 28.25 29.48 -29.66
C VAL D 79 29.05 30.70 -29.19
N GLN D 80 28.42 31.64 -28.49
CA GLN D 80 29.10 32.89 -28.05
C GLN D 80 30.20 32.56 -27.06
N LYS D 81 29.97 31.62 -26.12
CA LYS D 81 30.97 31.23 -25.10
C LYS D 81 32.16 30.54 -25.76
N VAL D 82 31.91 29.78 -26.84
CA VAL D 82 32.99 29.11 -27.62
C VAL D 82 33.83 30.20 -28.31
N LYS D 83 33.18 31.18 -28.96
CA LYS D 83 33.87 32.33 -29.59
C LYS D 83 34.69 33.09 -28.55
N ASP D 84 34.11 33.40 -27.38
CA ASP D 84 34.82 34.16 -26.31
C ASP D 84 36.05 33.38 -25.82
N SER D 85 36.02 32.06 -25.86
CA SER D 85 37.13 31.17 -25.39
C SER D 85 38.25 31.13 -26.44
N GLU D 86 37.90 31.39 -27.70
CA GLU D 86 38.82 31.39 -28.88
C GLU D 86 39.31 29.97 -29.19
N ALA D 87 38.77 28.92 -28.55
CA ALA D 87 39.16 27.53 -28.82
C ALA D 87 38.74 27.11 -30.23
N GLN D 88 39.60 26.39 -30.93
CA GLN D 88 39.35 25.95 -32.33
C GLN D 88 38.90 24.48 -32.36
N ASN D 89 38.84 23.82 -31.21
CA ASN D 89 38.63 22.35 -31.15
C ASN D 89 37.23 22.03 -30.61
N VAL D 90 36.21 22.82 -30.95
CA VAL D 90 34.85 22.64 -30.38
C VAL D 90 33.82 23.08 -31.41
N LYS D 91 32.97 22.14 -31.82
CA LYS D 91 31.78 22.42 -32.68
C LYS D 91 30.50 22.15 -31.87
N LEU D 92 29.39 22.76 -32.34
CA LEU D 92 28.07 22.66 -31.66
C LEU D 92 27.01 22.22 -32.69
N LEU D 93 26.19 21.25 -32.32
CA LEU D 93 25.14 20.66 -33.20
C LEU D 93 23.78 20.85 -32.54
N ASN D 94 22.82 21.35 -33.33
CA ASN D 94 21.40 21.51 -32.89
C ASN D 94 20.63 20.25 -33.27
N ILE D 95 20.90 19.13 -32.58
CA ILE D 95 20.25 17.83 -32.90
C ILE D 95 19.83 17.14 -31.61
N ASP D 96 19.10 16.04 -31.79
CA ASP D 96 18.64 15.09 -30.76
C ASP D 96 19.73 14.04 -30.48
N ALA D 97 19.69 13.39 -29.31
CA ALA D 97 20.58 12.26 -28.98
C ALA D 97 20.29 11.11 -29.94
N ASP D 98 19.03 10.93 -30.37
CA ASP D 98 18.66 9.85 -31.33
C ASP D 98 19.35 10.04 -32.69
N THR D 99 19.66 11.28 -33.06
CA THR D 99 20.30 11.60 -34.36
C THR D 99 21.81 11.28 -34.32
N LEU D 100 22.39 10.96 -33.16
CA LEU D 100 23.87 10.77 -33.08
C LEU D 100 24.33 9.73 -34.12
N THR D 101 23.56 8.67 -34.37
CA THR D 101 24.01 7.56 -35.26
C THR D 101 23.95 7.98 -36.72
N ASP D 102 23.32 9.11 -37.03
CA ASP D 102 23.34 9.69 -38.40
C ASP D 102 24.57 10.60 -38.58
N VAL D 103 25.26 10.92 -37.49
CA VAL D 103 26.34 11.93 -37.49
C VAL D 103 27.70 11.25 -37.29
N PHE D 104 27.76 10.13 -36.59
CA PHE D 104 29.03 9.49 -36.21
C PHE D 104 29.03 8.03 -36.64
N GLU D 105 30.17 7.55 -37.15
CA GLU D 105 30.45 6.11 -37.36
C GLU D 105 30.83 5.47 -36.02
N PRO D 106 30.59 4.17 -35.87
CA PRO D 106 31.05 3.47 -34.68
C PRO D 106 32.55 3.70 -34.46
N GLY D 107 32.93 4.12 -33.26
CA GLY D 107 34.34 4.31 -32.91
C GLY D 107 34.85 5.71 -33.22
N GLU D 108 34.09 6.51 -33.97
CA GLU D 108 34.49 7.90 -34.30
C GLU D 108 34.41 8.74 -33.03
N VAL D 109 33.53 8.39 -32.09
CA VAL D 109 33.49 9.10 -30.78
C VAL D 109 34.22 8.24 -29.75
N LYS D 110 34.93 8.88 -28.84
CA LYS D 110 35.70 8.18 -27.79
C LYS D 110 35.09 8.34 -26.40
N ARG D 111 34.28 9.37 -26.17
CA ARG D 111 33.73 9.61 -24.81
C ARG D 111 32.43 10.38 -24.93
N VAL D 112 31.51 10.07 -24.02
CA VAL D 112 30.24 10.84 -23.89
C VAL D 112 30.22 11.48 -22.52
N TYR D 113 30.02 12.80 -22.51
CA TYR D 113 29.82 13.60 -21.29
C TYR D 113 28.32 13.85 -21.13
N LEU D 114 27.81 13.54 -19.93
CA LEU D 114 26.43 13.81 -19.46
C LEU D 114 26.53 14.65 -18.19
N ASN D 115 26.01 15.87 -18.24
CA ASN D 115 26.08 16.84 -17.12
C ASN D 115 24.67 17.27 -16.75
N PHE D 116 24.21 16.88 -15.56
CA PHE D 116 22.95 17.37 -14.94
C PHE D 116 21.79 17.17 -15.91
N SER D 117 21.72 15.97 -16.49
CA SER D 117 20.62 15.59 -17.41
C SER D 117 19.29 15.64 -16.65
N ASP D 118 18.20 15.76 -17.39
CA ASP D 118 16.83 15.86 -16.82
C ASP D 118 16.55 14.50 -16.19
N PRO D 119 16.13 14.48 -14.91
CA PRO D 119 15.96 13.22 -14.19
C PRO D 119 14.73 12.39 -14.58
N TRP D 120 13.70 13.02 -15.14
CA TRP D 120 12.40 12.39 -15.52
C TRP D 120 11.97 11.33 -14.51
N PRO D 121 11.71 11.68 -13.22
CA PRO D 121 11.37 10.68 -12.21
C PRO D 121 10.15 9.79 -12.49
N LYS D 122 9.17 10.27 -13.27
CA LYS D 122 7.91 9.50 -13.51
C LYS D 122 8.28 8.26 -14.30
N LYS D 123 7.71 7.11 -13.95
CA LYS D 123 8.08 5.79 -14.51
C LYS D 123 7.83 5.81 -16.02
N ARG D 124 6.74 6.45 -16.47
CA ARG D 124 6.37 6.45 -17.91
C ARG D 124 7.44 7.21 -18.73
N HIS D 125 8.30 8.02 -18.10
CA HIS D 125 9.34 8.83 -18.78
C HIS D 125 10.77 8.35 -18.44
N GLU D 126 10.93 7.14 -17.88
CA GLU D 126 12.25 6.47 -17.79
C GLU D 126 12.93 6.49 -19.16
N LYS D 127 12.17 6.25 -20.24
CA LYS D 127 12.72 6.13 -21.62
C LYS D 127 13.28 7.46 -22.13
N ARG D 128 13.02 8.58 -21.44
CA ARG D 128 13.58 9.90 -21.79
C ARG D 128 14.90 10.17 -21.06
N ARG D 129 15.27 9.35 -20.06
CA ARG D 129 16.53 9.59 -19.31
C ARG D 129 17.74 9.19 -20.18
N LEU D 130 18.76 10.06 -20.25
CA LEU D 130 19.93 9.88 -21.15
C LEU D 130 20.83 8.73 -20.68
N THR D 131 20.51 8.07 -19.57
CA THR D 131 21.21 6.87 -19.04
C THR D 131 20.34 5.60 -19.15
N TYR D 132 19.11 5.71 -19.66
CA TYR D 132 18.26 4.56 -20.05
C TYR D 132 18.96 3.73 -21.12
N SER D 133 18.71 2.41 -21.14
CA SER D 133 19.35 1.44 -22.07
C SER D 133 19.31 1.93 -23.54
N HIS D 134 18.22 2.53 -24.01
CA HIS D 134 18.09 3.00 -25.41
C HIS D 134 19.25 3.95 -25.77
N PHE D 135 19.56 4.88 -24.88
CA PHE D 135 20.62 5.89 -25.13
C PHE D 135 22.00 5.26 -24.90
N LEU D 136 22.12 4.29 -24.00
CA LEU D 136 23.41 3.59 -23.80
C LEU D 136 23.72 2.84 -25.09
N LYS D 137 22.71 2.38 -25.83
CA LYS D 137 22.94 1.71 -27.14
C LYS D 137 23.40 2.74 -28.18
N LYS D 138 22.80 3.92 -28.21
CA LYS D 138 23.20 4.98 -29.16
C LYS D 138 24.66 5.36 -28.90
N TYR D 139 25.07 5.49 -27.63
CA TYR D 139 26.48 5.79 -27.29
C TYR D 139 27.38 4.65 -27.76
N GLU D 140 26.96 3.41 -27.55
CA GLU D 140 27.72 2.24 -28.07
C GLU D 140 27.81 2.29 -29.61
N GLU D 141 26.74 2.69 -30.28
CA GLU D 141 26.69 2.71 -31.76
C GLU D 141 27.63 3.78 -32.32
N VAL D 142 27.98 4.82 -31.56
CA VAL D 142 28.95 5.84 -32.03
C VAL D 142 30.32 5.67 -31.34
N MET D 143 30.44 4.86 -30.30
CA MET D 143 31.76 4.64 -29.66
C MET D 143 32.31 3.24 -29.93
N GLY D 144 31.54 2.32 -30.51
CA GLY D 144 31.88 0.89 -30.46
C GLY D 144 32.09 0.43 -29.02
N LYS D 145 33.22 -0.20 -28.72
CA LYS D 145 33.54 -0.76 -27.37
C LYS D 145 34.70 -0.01 -26.73
N GLY D 146 35.30 0.98 -27.40
CA GLY D 146 36.50 1.64 -26.86
C GLY D 146 36.23 2.99 -26.18
N GLY D 147 35.00 3.22 -25.70
CA GLY D 147 34.61 4.56 -25.19
C GLY D 147 34.19 4.53 -23.74
N SER D 148 33.81 5.69 -23.21
CA SER D 148 33.41 5.82 -21.80
C SER D 148 32.30 6.84 -21.70
N ILE D 149 31.58 6.79 -20.59
CA ILE D 149 30.59 7.83 -20.22
C ILE D 149 31.05 8.45 -18.92
N HIS D 150 31.22 9.78 -18.92
CA HIS D 150 31.52 10.60 -17.73
C HIS D 150 30.25 11.37 -17.33
N PHE D 151 29.70 11.03 -16.17
CA PHE D 151 28.33 11.46 -15.77
C PHE D 151 28.43 12.20 -14.43
N LYS D 152 27.94 13.44 -14.41
CA LYS D 152 27.82 14.27 -13.19
C LYS D 152 26.35 14.67 -13.02
N THR D 153 25.86 14.62 -11.80
CA THR D 153 24.52 15.12 -11.45
C THR D 153 24.41 15.40 -9.97
N ASP D 154 23.50 16.30 -9.61
CA ASP D 154 23.16 16.55 -8.20
C ASP D 154 21.91 15.75 -7.82
N ASN D 155 21.21 15.17 -8.80
CA ASN D 155 19.89 14.53 -8.56
C ASN D 155 20.17 13.12 -8.03
N ARG D 156 19.89 12.83 -6.76
CA ARG D 156 20.21 11.51 -6.15
C ARG D 156 19.45 10.40 -6.88
N GLY D 157 18.19 10.63 -7.22
CA GLY D 157 17.31 9.62 -7.82
C GLY D 157 17.79 9.26 -9.21
N LEU D 158 18.14 10.23 -10.03
CA LEU D 158 18.71 9.92 -11.37
C LEU D 158 20.03 9.16 -11.25
N PHE D 159 20.89 9.52 -10.28
CA PHE D 159 22.24 8.92 -10.14
C PHE D 159 22.07 7.47 -9.68
N GLU D 160 21.19 7.22 -8.71
CA GLU D 160 20.84 5.86 -8.26
C GLU D 160 20.33 5.07 -9.47
N TYR D 161 19.36 5.60 -10.21
CA TYR D 161 18.83 4.89 -11.39
C TYR D 161 19.97 4.59 -12.40
N SER D 162 20.77 5.62 -12.71
CA SER D 162 21.88 5.51 -13.69
C SER D 162 22.89 4.42 -13.29
N LEU D 163 23.27 4.35 -12.02
CA LEU D 163 24.24 3.31 -11.58
C LEU D 163 23.64 1.93 -11.88
N LYS D 164 22.34 1.75 -11.64
CA LYS D 164 21.69 0.43 -11.86
C LYS D 164 21.50 0.17 -13.35
N SER D 165 21.21 1.20 -14.13
CA SER D 165 21.07 1.14 -15.62
C SER D 165 22.44 0.75 -16.21
N PHE D 166 23.51 1.42 -15.78
CA PHE D 166 24.90 1.10 -16.20
C PHE D 166 25.18 -0.38 -15.96
N SER D 167 24.85 -0.86 -14.75
CA SER D 167 25.17 -2.24 -14.31
C SER D 167 24.32 -3.20 -15.14
N GLU D 168 23.02 -2.96 -15.27
CA GLU D 168 22.16 -3.87 -16.07
C GLU D 168 22.69 -3.96 -17.51
N TYR D 169 23.17 -2.84 -18.06
CA TYR D 169 23.71 -2.82 -19.43
C TYR D 169 25.05 -3.56 -19.50
N GLY D 170 25.73 -3.76 -18.37
CA GLY D 170 27.01 -4.51 -18.29
C GLY D 170 28.25 -3.63 -18.41
N LEU D 171 28.14 -2.34 -18.11
CA LEU D 171 29.30 -1.42 -18.14
C LEU D 171 30.12 -1.56 -16.85
N LEU D 172 31.37 -1.18 -16.93
CA LEU D 172 32.30 -1.31 -15.80
C LEU D 172 32.38 0.05 -15.12
N LEU D 173 32.06 0.10 -13.85
CA LEU D 173 32.19 1.36 -13.05
C LEU D 173 33.64 1.50 -12.62
N THR D 174 34.37 2.47 -13.20
CA THR D 174 35.82 2.70 -12.94
C THR D 174 36.05 3.92 -12.03
N TYR D 175 35.08 4.84 -11.94
CA TYR D 175 35.17 5.99 -11.03
C TYR D 175 33.78 6.25 -10.45
N VAL D 176 33.70 6.48 -9.15
CA VAL D 176 32.43 6.99 -8.55
C VAL D 176 32.75 7.91 -7.38
N SER D 177 32.18 9.11 -7.41
CA SER D 177 32.24 10.04 -6.27
C SER D 177 30.81 10.29 -5.78
N LEU D 178 30.57 10.16 -4.48
CA LEU D 178 29.26 10.48 -3.89
C LEU D 178 29.31 11.86 -3.22
N ASP D 179 30.38 12.60 -3.45
CA ASP D 179 30.52 14.00 -2.96
C ASP D 179 31.65 14.65 -3.73
N LEU D 180 31.41 15.04 -4.98
CA LEU D 180 32.52 15.39 -5.90
C LEU D 180 33.37 16.52 -5.32
N HIS D 181 32.75 17.55 -4.76
CA HIS D 181 33.47 18.79 -4.34
C HIS D 181 34.25 18.56 -3.04
N ASN D 182 34.14 17.37 -2.43
CA ASN D 182 35.07 16.96 -1.34
C ASN D 182 35.93 15.76 -1.78
N SER D 183 36.08 15.51 -3.07
CA SER D 183 36.80 14.32 -3.61
C SER D 183 38.01 14.74 -4.44
N ASN D 184 38.29 16.05 -4.50
CA ASN D 184 39.55 16.58 -5.07
C ASN D 184 39.74 15.99 -6.48
N LEU D 185 38.78 16.20 -7.38
CA LEU D 185 38.93 15.83 -8.80
C LEU D 185 39.74 16.95 -9.48
N GLU D 186 41.04 16.71 -9.66
CA GLU D 186 41.97 17.69 -10.27
C GLU D 186 41.43 18.07 -11.66
N GLY D 187 41.25 19.36 -11.92
CA GLY D 187 40.87 19.86 -13.24
C GLY D 187 39.39 19.69 -13.53
N ASN D 188 38.54 19.58 -12.50
CA ASN D 188 37.07 19.51 -12.66
C ASN D 188 36.60 20.81 -13.31
N ILE D 189 35.95 20.71 -14.47
CA ILE D 189 35.30 21.88 -15.12
C ILE D 189 33.81 21.79 -14.87
N MET D 190 33.24 22.88 -14.39
CA MET D 190 31.85 22.93 -13.88
C MET D 190 30.93 23.47 -14.98
N THR D 191 29.68 23.03 -14.94
CA THR D 191 28.59 23.69 -15.71
C THR D 191 28.18 24.96 -14.97
N GLU D 192 27.46 25.83 -15.64
CA GLU D 192 26.86 27.04 -15.02
C GLU D 192 26.12 26.57 -13.76
N TYR D 193 25.24 25.58 -13.90
CA TYR D 193 24.37 25.09 -12.80
C TYR D 193 25.23 24.54 -11.65
N GLU D 194 26.28 23.80 -11.97
CA GLU D 194 27.18 23.16 -10.96
C GLU D 194 27.84 24.27 -10.11
N GLU D 195 28.29 25.35 -10.76
CA GLU D 195 29.06 26.43 -10.10
C GLU D 195 28.20 27.08 -9.01
N LYS D 196 26.91 27.31 -9.28
CA LYS D 196 25.95 27.90 -8.30
C LYS D 196 25.92 27.07 -7.00
N PHE D 197 25.90 25.73 -7.12
CA PHE D 197 26.04 24.80 -5.97
C PHE D 197 27.45 24.93 -5.38
N SER D 198 27.61 24.55 -4.10
CA SER D 198 28.88 24.68 -3.34
C SER D 198 29.31 23.30 -2.80
N ALA D 199 30.58 23.14 -2.40
CA ALA D 199 31.13 21.95 -1.69
C ALA D 199 30.42 21.77 -0.34
N LEU D 200 30.09 22.87 0.33
CA LEU D 200 29.27 22.91 1.58
C LEU D 200 27.79 23.09 1.21
N GLY D 201 27.24 22.19 0.38
CA GLY D 201 25.85 22.24 -0.10
C GLY D 201 25.31 20.85 -0.34
N GLN D 202 24.37 20.72 -1.27
CA GLN D 202 23.88 19.41 -1.77
C GLN D 202 25.05 18.72 -2.49
N PRO D 203 25.26 17.41 -2.27
CA PRO D 203 26.37 16.73 -2.92
C PRO D 203 26.25 16.63 -4.46
N ILE D 204 27.38 16.69 -5.15
CA ILE D 204 27.45 16.32 -6.60
C ILE D 204 27.92 14.87 -6.71
N TYR D 205 27.21 14.08 -7.52
CA TYR D 205 27.52 12.66 -7.81
C TYR D 205 28.26 12.56 -9.15
N ARG D 206 29.28 11.71 -9.22
CA ARG D 206 30.06 11.58 -10.47
C ARG D 206 30.38 10.10 -10.71
N ALA D 207 30.14 9.66 -11.93
CA ALA D 207 30.52 8.29 -12.36
C ALA D 207 31.31 8.36 -13.65
N GLU D 208 32.26 7.44 -13.79
CA GLU D 208 32.89 7.10 -15.08
C GLU D 208 32.64 5.62 -15.32
N VAL D 209 31.99 5.29 -16.44
CA VAL D 209 31.72 3.88 -16.82
C VAL D 209 32.33 3.63 -18.20
N GLU D 210 32.80 2.42 -18.43
CA GLU D 210 33.32 2.02 -19.77
C GLU D 210 32.77 0.65 -20.14
N TRP D 211 33.00 0.26 -21.40
CA TRP D 211 32.58 -1.02 -21.99
C TRP D 211 33.62 -2.06 -21.60
N ARG D 212 33.19 -3.30 -21.42
CA ARG D 212 34.06 -4.43 -21.04
C ARG D 212 34.54 -5.14 -22.31
N THR D 213 35.79 -5.59 -22.32
CA THR D 213 36.41 -6.37 -23.43
C THR D 213 36.56 -7.84 -22.99
N TRP E 8 -48.40 2.84 11.27
CA TRP E 8 -48.79 3.56 10.00
C TRP E 8 -48.48 2.66 8.79
N ALA E 9 -48.35 1.35 8.98
CA ALA E 9 -48.02 0.39 7.90
C ALA E 9 -48.88 -0.84 8.11
N ASP E 10 -49.35 -1.45 7.03
CA ASP E 10 -50.26 -2.64 7.06
C ASP E 10 -51.67 -2.18 7.42
N ASP E 11 -51.82 -0.96 7.96
CA ASP E 11 -53.14 -0.28 8.14
C ASP E 11 -53.23 0.80 7.07
N PHE E 12 -52.10 1.44 6.75
CA PHE E 12 -51.97 2.37 5.60
C PHE E 12 -52.09 1.55 4.30
N LEU E 13 -51.42 0.40 4.27
CA LEU E 13 -51.42 -0.49 3.09
C LEU E 13 -52.82 -1.09 2.89
N ALA E 14 -53.44 -1.56 3.96
CA ALA E 14 -54.78 -2.20 3.92
C ALA E 14 -55.81 -1.18 3.43
N GLU E 15 -55.68 0.09 3.83
CA GLU E 15 -56.62 1.17 3.46
C GLU E 15 -56.28 1.73 2.07
N ASN E 16 -55.13 1.36 1.51
CA ASN E 16 -54.75 1.80 0.13
C ASN E 16 -54.56 0.59 -0.74
N ALA E 17 -55.43 -0.42 -0.59
CA ALA E 17 -55.32 -1.76 -1.23
C ALA E 17 -55.75 -1.69 -2.71
N ASP E 18 -56.17 -0.51 -3.18
CA ASP E 18 -56.41 -0.27 -4.62
C ASP E 18 -55.07 0.07 -5.30
N ILE E 19 -54.03 0.43 -4.54
CA ILE E 19 -52.66 0.67 -5.10
C ILE E 19 -51.72 -0.46 -4.70
N ALA E 20 -51.71 -0.84 -3.41
CA ALA E 20 -50.83 -1.93 -2.90
C ALA E 20 -51.60 -3.25 -2.95
N ILE E 21 -51.29 -4.10 -3.92
CA ILE E 21 -52.11 -5.31 -4.17
C ILE E 21 -51.56 -6.41 -3.28
N SER E 22 -52.41 -6.85 -2.36
CA SER E 22 -52.10 -7.80 -1.26
C SER E 22 -51.90 -9.19 -1.84
N ASN E 23 -52.58 -9.52 -2.94
CA ASN E 23 -52.60 -10.90 -3.50
C ASN E 23 -52.31 -10.90 -5.00
N PRO E 24 -51.09 -10.52 -5.44
CA PRO E 24 -50.83 -10.33 -6.87
C PRO E 24 -50.93 -11.62 -7.68
N ALA E 25 -50.64 -12.76 -7.06
CA ALA E 25 -50.69 -14.08 -7.72
C ALA E 25 -52.10 -14.36 -8.22
N ASP E 26 -53.12 -13.75 -7.61
CA ASP E 26 -54.53 -13.99 -7.99
C ASP E 26 -54.82 -13.42 -9.38
N TYR E 27 -54.01 -12.49 -9.87
CA TYR E 27 -54.26 -11.81 -11.16
C TYR E 27 -53.32 -12.30 -12.25
N LYS E 28 -52.54 -13.34 -12.00
CA LYS E 28 -51.63 -13.88 -13.05
C LYS E 28 -52.44 -14.09 -14.33
N GLY E 29 -52.00 -13.52 -15.45
CA GLY E 29 -52.68 -13.65 -16.75
C GLY E 29 -53.90 -12.76 -16.87
N LYS E 30 -54.28 -12.00 -15.84
CA LYS E 30 -55.51 -11.17 -15.83
C LYS E 30 -55.20 -9.74 -15.38
N TRP E 31 -53.94 -9.28 -15.45
CA TRP E 31 -53.63 -7.90 -14.98
C TRP E 31 -54.38 -6.88 -15.84
N ASN E 32 -54.76 -7.22 -17.08
CA ASN E 32 -55.60 -6.31 -17.91
C ASN E 32 -56.96 -6.04 -17.24
N THR E 33 -57.50 -6.99 -16.48
CA THR E 33 -58.77 -6.80 -15.73
C THR E 33 -58.54 -5.92 -14.50
N VAL E 34 -57.31 -5.81 -13.99
CA VAL E 34 -56.98 -4.90 -12.85
C VAL E 34 -56.94 -3.45 -13.36
N PHE E 35 -56.22 -3.17 -14.44
CA PHE E 35 -56.12 -1.80 -15.04
C PHE E 35 -57.39 -1.47 -15.86
N GLY E 36 -58.02 -2.46 -16.48
CA GLY E 36 -59.24 -2.27 -17.28
C GLY E 36 -58.92 -1.92 -18.72
N ASN E 37 -57.70 -2.16 -19.15
CA ASN E 37 -57.32 -1.88 -20.56
C ASN E 37 -56.16 -2.81 -20.89
N ASP E 38 -55.80 -2.85 -22.16
CA ASP E 38 -54.72 -3.76 -22.65
C ASP E 38 -53.42 -2.98 -22.82
N ASN E 39 -53.27 -1.84 -22.15
CA ASN E 39 -52.02 -1.05 -22.25
C ASN E 39 -50.85 -1.98 -21.87
N PRO E 40 -49.67 -1.79 -22.50
CA PRO E 40 -48.50 -2.59 -22.15
C PRO E 40 -48.16 -2.38 -20.67
N ILE E 41 -47.77 -3.45 -20.00
CA ILE E 41 -47.37 -3.42 -18.56
C ILE E 41 -45.83 -3.37 -18.49
N HIS E 42 -45.31 -2.34 -17.84
CA HIS E 42 -43.87 -2.16 -17.53
C HIS E 42 -43.73 -2.27 -16.02
N ILE E 43 -42.76 -3.04 -15.58
CA ILE E 43 -42.48 -3.25 -14.13
C ILE E 43 -41.14 -2.61 -13.75
N GLU E 44 -41.05 -2.21 -12.49
CA GLU E 44 -39.78 -1.78 -11.86
C GLU E 44 -39.47 -2.76 -10.72
N VAL E 45 -38.26 -3.34 -10.75
CA VAL E 45 -37.81 -4.23 -9.66
C VAL E 45 -36.98 -3.39 -8.67
N GLY E 46 -37.49 -3.19 -7.46
CA GLY E 46 -36.86 -2.36 -6.42
C GLY E 46 -37.20 -0.90 -6.61
N THR E 47 -38.44 -0.52 -6.29
CA THR E 47 -38.96 0.82 -6.58
C THR E 47 -38.45 1.81 -5.56
N GLY E 48 -38.06 1.35 -4.37
CA GLY E 48 -37.68 2.28 -3.30
C GLY E 48 -38.88 3.15 -2.96
N LYS E 49 -38.68 4.44 -2.77
CA LYS E 49 -39.71 5.39 -2.25
C LYS E 49 -40.61 5.90 -3.39
N GLY E 50 -40.39 5.45 -4.64
CA GLY E 50 -41.40 5.48 -5.72
C GLY E 50 -41.40 6.76 -6.57
N GLN E 51 -40.44 7.68 -6.42
CA GLN E 51 -40.37 8.87 -7.32
C GLN E 51 -40.31 8.40 -8.78
N PHE E 52 -39.46 7.44 -9.10
CA PHE E 52 -39.31 7.03 -10.52
C PHE E 52 -40.67 6.52 -11.05
N ILE E 53 -41.31 5.57 -10.37
CA ILE E 53 -42.48 4.90 -10.98
C ILE E 53 -43.65 5.90 -11.05
N SER E 54 -43.76 6.80 -10.08
CA SER E 54 -44.81 7.85 -10.05
C SER E 54 -44.55 8.81 -11.22
N GLY E 55 -43.28 9.16 -11.46
CA GLY E 55 -42.88 10.05 -12.57
C GLY E 55 -43.14 9.42 -13.91
N MET E 56 -42.83 8.13 -14.05
CA MET E 56 -43.04 7.38 -15.31
C MET E 56 -44.53 7.27 -15.61
N ALA E 57 -45.33 6.92 -14.61
CA ALA E 57 -46.81 6.82 -14.70
C ALA E 57 -47.44 8.14 -15.19
N LYS E 58 -47.05 9.28 -14.60
CA LYS E 58 -47.57 10.61 -15.01
C LYS E 58 -47.16 10.90 -16.45
N GLN E 59 -45.90 10.65 -16.79
CA GLN E 59 -45.34 10.90 -18.13
C GLN E 59 -46.05 10.03 -19.17
N ASN E 60 -46.41 8.80 -18.84
CA ASN E 60 -46.87 7.81 -19.86
C ASN E 60 -48.20 7.20 -19.41
N PRO E 61 -49.31 7.96 -19.48
CA PRO E 61 -50.62 7.46 -19.07
C PRO E 61 -51.09 6.30 -19.95
N ASP E 62 -50.44 6.06 -21.09
CA ASP E 62 -50.76 4.95 -22.03
C ASP E 62 -49.99 3.68 -21.64
N ILE E 63 -49.29 3.69 -20.51
CA ILE E 63 -48.58 2.49 -20.01
C ILE E 63 -49.06 2.17 -18.60
N ASN E 64 -49.24 0.89 -18.32
CA ASN E 64 -49.56 0.40 -16.96
C ASN E 64 -48.23 -0.01 -16.29
N TYR E 65 -47.99 0.55 -15.12
CA TYR E 65 -46.76 0.36 -14.32
C TYR E 65 -47.07 -0.50 -13.10
N ILE E 66 -46.18 -1.44 -12.84
CA ILE E 66 -46.24 -2.25 -11.58
C ILE E 66 -44.85 -2.20 -10.96
N GLY E 67 -44.78 -1.65 -9.75
CA GLY E 67 -43.55 -1.57 -8.94
C GLY E 67 -43.47 -2.69 -7.92
N ILE E 68 -42.29 -3.30 -7.80
CA ILE E 68 -42.00 -4.39 -6.82
C ILE E 68 -40.97 -3.85 -5.80
N GLU E 69 -41.29 -3.95 -4.51
CA GLU E 69 -40.43 -3.43 -3.41
C GLU E 69 -40.48 -4.43 -2.27
N LEU E 70 -39.31 -4.94 -1.88
CA LEU E 70 -39.23 -6.02 -0.88
C LEU E 70 -39.60 -5.50 0.53
N PHE E 71 -39.27 -4.25 0.85
CA PHE E 71 -39.44 -3.70 2.22
C PHE E 71 -40.74 -2.92 2.37
N LYS E 72 -41.64 -3.40 3.22
CA LYS E 72 -42.91 -2.72 3.60
C LYS E 72 -42.60 -1.30 4.08
N SER E 73 -41.50 -1.09 4.80
CA SER E 73 -41.18 0.22 5.43
C SER E 73 -40.95 1.26 4.33
N VAL E 74 -40.65 0.80 3.11
CA VAL E 74 -40.28 1.67 1.96
C VAL E 74 -41.48 1.81 1.02
N ILE E 75 -42.17 0.70 0.77
CA ILE E 75 -43.27 0.69 -0.23
C ILE E 75 -44.36 1.65 0.22
N VAL E 76 -44.43 1.92 1.54
CA VAL E 76 -45.48 2.80 2.13
C VAL E 76 -45.25 4.21 1.60
N THR E 77 -44.00 4.61 1.45
CA THR E 77 -43.63 5.94 0.90
C THR E 77 -43.94 5.96 -0.60
N ALA E 78 -43.69 4.86 -1.32
CA ALA E 78 -44.01 4.72 -2.77
C ALA E 78 -45.53 4.85 -2.95
N VAL E 79 -46.29 4.20 -2.10
CA VAL E 79 -47.79 4.30 -2.13
C VAL E 79 -48.21 5.77 -1.98
N GLN E 80 -47.63 6.53 -1.05
CA GLN E 80 -48.01 7.95 -0.83
C GLN E 80 -47.66 8.75 -2.08
N LYS E 81 -46.46 8.56 -2.64
CA LYS E 81 -46.01 9.33 -3.83
C LYS E 81 -46.95 9.02 -5.01
N VAL E 82 -47.39 7.78 -5.12
CA VAL E 82 -48.34 7.38 -6.20
C VAL E 82 -49.65 8.14 -5.98
N LYS E 83 -50.19 8.11 -4.76
CA LYS E 83 -51.40 8.91 -4.39
C LYS E 83 -51.19 10.39 -4.75
N ASP E 84 -50.09 10.99 -4.31
CA ASP E 84 -49.81 12.44 -4.56
C ASP E 84 -49.78 12.73 -6.08
N SER E 85 -49.41 11.75 -6.91
CA SER E 85 -49.31 11.91 -8.39
C SER E 85 -50.70 11.86 -9.01
N GLU E 86 -51.66 11.25 -8.32
CA GLU E 86 -53.07 11.07 -8.76
C GLU E 86 -53.12 10.15 -10.00
N ALA E 87 -52.02 9.47 -10.33
CA ALA E 87 -51.97 8.54 -11.49
C ALA E 87 -52.78 7.28 -11.19
N GLN E 88 -53.56 6.80 -12.17
CA GLN E 88 -54.42 5.59 -12.02
C GLN E 88 -53.75 4.38 -12.70
N ASN E 89 -52.62 4.57 -13.37
CA ASN E 89 -51.97 3.49 -14.17
C ASN E 89 -50.74 2.93 -13.43
N VAL E 90 -50.77 2.82 -12.10
CA VAL E 90 -49.61 2.29 -11.33
C VAL E 90 -50.05 1.52 -10.10
N LYS E 91 -49.67 0.24 -10.02
CA LYS E 91 -49.83 -0.59 -8.79
C LYS E 91 -48.45 -0.88 -8.16
N LEU E 92 -48.47 -1.33 -6.90
CA LEU E 92 -47.25 -1.64 -6.13
C LEU E 92 -47.42 -2.99 -5.44
N LEU E 93 -46.40 -3.83 -5.52
CA LEU E 93 -46.43 -5.20 -4.97
C LEU E 93 -45.30 -5.35 -3.95
N ASN E 94 -45.62 -5.90 -2.78
CA ASN E 94 -44.60 -6.19 -1.73
C ASN E 94 -44.14 -7.62 -1.95
N ILE E 95 -43.31 -7.85 -2.96
CA ILE E 95 -42.79 -9.19 -3.33
C ILE E 95 -41.33 -9.03 -3.70
N ASP E 96 -40.68 -10.18 -3.95
CA ASP E 96 -39.30 -10.22 -4.45
C ASP E 96 -39.31 -10.74 -5.88
N ALA E 97 -38.21 -10.50 -6.59
CA ALA E 97 -38.04 -10.78 -8.02
C ALA E 97 -38.34 -12.25 -8.31
N ASP E 98 -38.04 -13.17 -7.38
CA ASP E 98 -38.23 -14.63 -7.60
C ASP E 98 -39.70 -14.97 -7.75
N THR E 99 -40.58 -14.14 -7.17
CA THR E 99 -42.05 -14.34 -7.14
C THR E 99 -42.72 -13.80 -8.42
N LEU E 100 -41.98 -13.12 -9.31
CA LEU E 100 -42.57 -12.52 -10.55
C LEU E 100 -43.30 -13.58 -11.38
N THR E 101 -42.78 -14.80 -11.43
CA THR E 101 -43.37 -15.88 -12.27
C THR E 101 -44.67 -16.39 -11.64
N ASP E 102 -44.97 -16.04 -10.39
CA ASP E 102 -46.25 -16.40 -9.73
C ASP E 102 -47.30 -15.33 -10.01
N VAL E 103 -46.89 -14.18 -10.54
CA VAL E 103 -47.75 -12.98 -10.68
C VAL E 103 -48.01 -12.70 -12.17
N PHE E 104 -47.06 -13.01 -13.04
CA PHE E 104 -47.19 -12.68 -14.48
C PHE E 104 -47.03 -13.93 -15.33
N GLU E 105 -47.89 -14.04 -16.35
CA GLU E 105 -47.76 -15.06 -17.44
C GLU E 105 -46.71 -14.59 -18.43
N PRO E 106 -46.06 -15.50 -19.17
CA PRO E 106 -45.08 -15.09 -20.16
C PRO E 106 -45.70 -14.15 -21.19
N GLY E 107 -45.11 -12.97 -21.35
CA GLY E 107 -45.59 -12.00 -22.34
C GLY E 107 -46.47 -10.94 -21.72
N GLU E 108 -46.97 -11.14 -20.50
CA GLU E 108 -47.89 -10.15 -19.87
C GLU E 108 -47.12 -8.89 -19.47
N VAL E 109 -45.80 -9.00 -19.25
CA VAL E 109 -44.92 -7.82 -19.02
C VAL E 109 -44.16 -7.52 -20.32
N LYS E 110 -43.96 -6.25 -20.62
CA LYS E 110 -43.29 -5.82 -21.87
C LYS E 110 -41.94 -5.15 -21.61
N ARG E 111 -41.67 -4.72 -20.38
CA ARG E 111 -40.36 -4.08 -20.07
C ARG E 111 -40.04 -4.23 -18.58
N VAL E 112 -38.77 -4.38 -18.28
CA VAL E 112 -38.25 -4.42 -16.88
C VAL E 112 -37.36 -3.19 -16.69
N TYR E 113 -37.69 -2.37 -15.70
CA TYR E 113 -36.84 -1.25 -15.25
C TYR E 113 -36.05 -1.69 -14.02
N LEU E 114 -34.74 -1.48 -14.09
CA LEU E 114 -33.78 -1.67 -12.99
C LEU E 114 -33.05 -0.34 -12.78
N ASN E 115 -33.15 0.22 -11.58
CA ASN E 115 -32.57 1.53 -11.23
C ASN E 115 -31.73 1.36 -9.96
N PHE E 116 -30.41 1.56 -10.09
CA PHE E 116 -29.46 1.69 -8.96
C PHE E 116 -29.62 0.47 -8.06
N SER E 117 -29.66 -0.70 -8.66
CA SER E 117 -29.73 -2.00 -7.97
C SER E 117 -28.49 -2.15 -7.08
N ASP E 118 -28.59 -2.98 -6.06
CA ASP E 118 -27.47 -3.27 -5.14
C ASP E 118 -26.39 -3.98 -5.96
N PRO E 119 -25.13 -3.49 -5.94
CA PRO E 119 -24.08 -4.08 -6.78
C PRO E 119 -23.54 -5.43 -6.31
N TRP E 120 -23.66 -5.75 -5.02
CA TRP E 120 -23.18 -7.04 -4.42
C TRP E 120 -21.80 -7.42 -4.97
N PRO E 121 -20.75 -6.58 -4.82
CA PRO E 121 -19.46 -6.88 -5.43
C PRO E 121 -18.80 -8.21 -5.01
N LYS E 122 -19.12 -8.80 -3.85
CA LYS E 122 -18.44 -10.04 -3.40
C LYS E 122 -18.84 -11.16 -4.36
N LYS E 123 -17.90 -12.02 -4.76
CA LYS E 123 -18.21 -13.03 -5.79
C LYS E 123 -19.25 -14.02 -5.27
N ARG E 124 -19.23 -14.36 -3.98
CA ARG E 124 -20.23 -15.28 -3.38
C ARG E 124 -21.65 -14.69 -3.48
N HIS E 125 -21.81 -13.40 -3.74
CA HIS E 125 -23.14 -12.74 -3.85
C HIS E 125 -23.40 -12.21 -5.28
N GLU E 126 -22.66 -12.67 -6.29
CA GLU E 126 -23.04 -12.49 -7.71
C GLU E 126 -24.48 -12.92 -7.94
N LYS E 127 -24.89 -14.04 -7.34
CA LYS E 127 -26.25 -14.64 -7.47
C LYS E 127 -27.34 -13.66 -7.00
N ARG E 128 -26.99 -12.61 -6.24
CA ARG E 128 -27.98 -11.62 -5.70
C ARG E 128 -28.16 -10.43 -6.66
N ARG E 129 -27.26 -10.24 -7.62
CA ARG E 129 -27.34 -9.06 -8.53
C ARG E 129 -28.51 -9.27 -9.50
N LEU E 130 -29.30 -8.22 -9.73
CA LEU E 130 -30.59 -8.32 -10.46
C LEU E 130 -30.36 -8.45 -11.96
N THR E 131 -29.10 -8.36 -12.41
CA THR E 131 -28.63 -8.58 -13.79
C THR E 131 -27.92 -9.94 -13.94
N TYR E 132 -27.80 -10.71 -12.84
CA TYR E 132 -27.31 -12.11 -12.93
C TYR E 132 -28.30 -12.95 -13.76
N SER E 133 -27.78 -13.98 -14.45
CA SER E 133 -28.54 -14.84 -15.40
C SER E 133 -29.83 -15.40 -14.78
N HIS E 134 -29.82 -15.73 -13.50
CA HIS E 134 -31.03 -16.26 -12.82
C HIS E 134 -32.19 -15.27 -12.99
N PHE E 135 -31.95 -13.99 -12.72
CA PHE E 135 -32.95 -12.90 -12.81
C PHE E 135 -33.28 -12.58 -14.28
N LEU E 136 -32.29 -12.65 -15.17
CA LEU E 136 -32.53 -12.47 -16.62
C LEU E 136 -33.51 -13.56 -17.08
N LYS E 137 -33.40 -14.76 -16.53
CA LYS E 137 -34.30 -15.90 -16.87
C LYS E 137 -35.71 -15.61 -16.32
N LYS E 138 -35.81 -15.09 -15.11
CA LYS E 138 -37.14 -14.66 -14.58
C LYS E 138 -37.77 -13.62 -15.50
N TYR E 139 -37.00 -12.61 -15.96
CA TYR E 139 -37.53 -11.50 -16.78
C TYR E 139 -38.07 -12.10 -18.07
N GLU E 140 -37.32 -13.04 -18.63
CA GLU E 140 -37.72 -13.75 -19.88
C GLU E 140 -39.01 -14.54 -19.64
N GLU E 141 -39.15 -15.16 -18.47
CA GLU E 141 -40.34 -15.96 -18.09
C GLU E 141 -41.57 -15.07 -17.98
N VAL E 142 -41.44 -13.76 -17.70
CA VAL E 142 -42.63 -12.86 -17.63
C VAL E 142 -42.77 -12.02 -18.90
N MET E 143 -41.71 -11.91 -19.70
CA MET E 143 -41.78 -11.12 -20.96
C MET E 143 -41.77 -12.00 -22.23
N GLY E 144 -41.53 -13.31 -22.10
CA GLY E 144 -41.22 -14.10 -23.30
C GLY E 144 -40.03 -13.48 -24.03
N LYS E 145 -40.13 -13.28 -25.35
CA LYS E 145 -39.02 -12.75 -26.19
C LYS E 145 -39.29 -11.33 -26.68
N GLY E 146 -40.43 -10.72 -26.31
CA GLY E 146 -40.89 -9.44 -26.87
C GLY E 146 -40.60 -8.24 -25.97
N GLY E 147 -39.70 -8.38 -25.00
CA GLY E 147 -39.50 -7.33 -23.98
C GLY E 147 -38.08 -6.79 -23.97
N SER E 148 -37.81 -5.89 -23.05
CA SER E 148 -36.50 -5.21 -22.91
C SER E 148 -36.22 -4.91 -21.44
N ILE E 149 -34.96 -4.64 -21.15
CA ILE E 149 -34.52 -4.20 -19.81
C ILE E 149 -33.89 -2.82 -19.96
N HIS E 150 -34.38 -1.84 -19.20
CA HIS E 150 -33.82 -0.48 -19.13
C HIS E 150 -33.15 -0.31 -17.75
N PHE E 151 -31.84 -0.12 -17.78
CA PHE E 151 -30.97 -0.25 -16.60
C PHE E 151 -30.19 1.03 -16.46
N LYS E 152 -30.30 1.68 -15.29
CA LYS E 152 -29.47 2.83 -14.88
C LYS E 152 -28.74 2.49 -13.59
N THR E 153 -27.48 2.90 -13.49
CA THR E 153 -26.70 2.79 -12.24
C THR E 153 -25.50 3.72 -12.31
N ASP E 154 -25.10 4.18 -11.13
CA ASP E 154 -23.85 4.95 -10.98
C ASP E 154 -22.70 4.01 -10.62
N ASN E 155 -22.98 2.74 -10.34
CA ASN E 155 -21.94 1.81 -9.87
C ASN E 155 -21.22 1.25 -11.10
N ARG E 156 -19.96 1.61 -11.29
CA ARG E 156 -19.19 1.20 -12.50
C ARG E 156 -19.02 -0.33 -12.51
N GLY E 157 -18.65 -0.93 -11.37
CA GLY E 157 -18.46 -2.38 -11.26
C GLY E 157 -19.71 -3.16 -11.65
N LEU E 158 -20.86 -2.79 -11.10
CA LEU E 158 -22.16 -3.42 -11.46
C LEU E 158 -22.45 -3.21 -12.96
N PHE E 159 -22.20 -2.03 -13.50
CA PHE E 159 -22.56 -1.74 -14.91
C PHE E 159 -21.62 -2.54 -15.82
N GLU E 160 -20.33 -2.61 -15.49
CA GLU E 160 -19.37 -3.49 -16.21
C GLU E 160 -19.87 -4.93 -16.15
N TYR E 161 -20.17 -5.43 -14.95
CA TYR E 161 -20.64 -6.82 -14.77
C TYR E 161 -21.89 -7.07 -15.64
N SER E 162 -22.86 -6.16 -15.56
CA SER E 162 -24.19 -6.27 -16.21
C SER E 162 -24.07 -6.34 -17.74
N LEU E 163 -23.24 -5.48 -18.35
CA LEU E 163 -22.97 -5.51 -19.80
C LEU E 163 -22.46 -6.91 -20.19
N LYS E 164 -21.56 -7.49 -19.40
CA LYS E 164 -21.00 -8.83 -19.69
C LYS E 164 -22.08 -9.89 -19.46
N SER E 165 -22.94 -9.68 -18.47
CA SER E 165 -24.01 -10.65 -18.12
C SER E 165 -25.03 -10.66 -19.27
N PHE E 166 -25.41 -9.48 -19.74
CA PHE E 166 -26.35 -9.27 -20.86
C PHE E 166 -25.78 -9.98 -22.09
N SER E 167 -24.49 -9.82 -22.34
CA SER E 167 -23.84 -10.36 -23.56
C SER E 167 -23.83 -11.88 -23.43
N GLU E 168 -23.35 -12.42 -22.30
CA GLU E 168 -23.31 -13.89 -22.08
C GLU E 168 -24.70 -14.49 -22.26
N TYR E 169 -25.75 -13.81 -21.84
CA TYR E 169 -27.12 -14.34 -21.90
C TYR E 169 -27.60 -14.30 -23.36
N GLY E 170 -26.98 -13.50 -24.24
CA GLY E 170 -27.36 -13.44 -25.66
C GLY E 170 -28.30 -12.30 -25.97
N LEU E 171 -28.39 -11.28 -25.09
CA LEU E 171 -29.28 -10.12 -25.32
C LEU E 171 -28.59 -9.10 -26.24
N LEU E 172 -29.39 -8.33 -26.98
CA LEU E 172 -28.94 -7.30 -27.93
C LEU E 172 -28.89 -5.95 -27.19
N LEU E 173 -27.73 -5.31 -27.17
CA LEU E 173 -27.55 -3.96 -26.58
C LEU E 173 -27.93 -2.90 -27.62
N THR E 174 -29.05 -2.22 -27.42
CA THR E 174 -29.61 -1.26 -28.40
C THR E 174 -29.35 0.18 -27.95
N TYR E 175 -29.00 0.41 -26.69
CA TYR E 175 -28.71 1.75 -26.16
C TYR E 175 -27.67 1.58 -25.06
N VAL E 176 -26.66 2.42 -25.08
CA VAL E 176 -25.71 2.51 -23.94
C VAL E 176 -25.22 3.95 -23.82
N SER E 177 -25.26 4.47 -22.60
CA SER E 177 -24.70 5.79 -22.26
C SER E 177 -23.73 5.64 -21.09
N LEU E 178 -22.52 6.17 -21.22
CA LEU E 178 -21.51 6.08 -20.13
C LEU E 178 -21.40 7.43 -19.42
N ASP E 179 -22.34 8.32 -19.68
CA ASP E 179 -22.48 9.60 -18.93
C ASP E 179 -23.88 10.15 -19.21
N LEU E 180 -24.91 9.59 -18.58
CA LEU E 180 -26.32 9.87 -18.99
C LEU E 180 -26.62 11.37 -18.94
N HIS E 181 -26.11 12.06 -17.92
CA HIS E 181 -26.43 13.50 -17.68
C HIS E 181 -25.76 14.41 -18.70
N ASN E 182 -24.79 13.93 -19.49
CA ASN E 182 -24.29 14.67 -20.68
C ASN E 182 -24.75 14.01 -21.97
N SER E 183 -25.83 13.23 -21.96
CA SER E 183 -26.22 12.42 -23.15
C SER E 183 -27.59 12.82 -23.68
N ASN E 184 -28.23 13.78 -23.03
CA ASN E 184 -29.48 14.39 -23.56
C ASN E 184 -30.55 13.32 -23.81
N LEU E 185 -30.87 12.47 -22.82
CA LEU E 185 -32.03 11.54 -22.86
C LEU E 185 -33.32 12.30 -22.51
N GLU E 186 -34.14 12.61 -23.51
CA GLU E 186 -35.37 13.42 -23.32
C GLU E 186 -36.36 12.60 -22.48
N GLY E 187 -37.00 13.25 -21.52
CA GLY E 187 -38.01 12.63 -20.66
C GLY E 187 -37.39 11.65 -19.67
N ASN E 188 -36.08 11.73 -19.43
CA ASN E 188 -35.42 10.94 -18.36
C ASN E 188 -36.09 11.28 -17.04
N ILE E 189 -36.68 10.28 -16.40
CA ILE E 189 -37.23 10.43 -15.03
C ILE E 189 -36.17 9.89 -14.07
N MET E 190 -35.82 10.70 -13.07
CA MET E 190 -34.76 10.37 -12.08
C MET E 190 -35.36 9.65 -10.88
N THR E 191 -34.57 8.77 -10.26
CA THR E 191 -34.86 8.27 -8.90
C THR E 191 -34.43 9.33 -7.87
N GLU E 192 -34.85 9.16 -6.63
CA GLU E 192 -34.49 10.08 -5.53
C GLU E 192 -32.95 10.14 -5.49
N TYR E 193 -32.32 8.97 -5.43
CA TYR E 193 -30.84 8.85 -5.35
C TYR E 193 -30.19 9.54 -6.55
N GLU E 194 -30.78 9.34 -7.74
CA GLU E 194 -30.21 9.81 -9.01
C GLU E 194 -30.19 11.34 -8.99
N GLU E 195 -31.22 11.98 -8.41
CA GLU E 195 -31.37 13.45 -8.42
C GLU E 195 -30.20 14.10 -7.65
N LYS E 196 -29.85 13.62 -6.46
CA LYS E 196 -28.64 14.06 -5.70
C LYS E 196 -27.35 13.76 -6.49
N PHE E 197 -27.19 12.54 -7.01
CA PHE E 197 -25.93 12.05 -7.63
C PHE E 197 -25.58 12.81 -8.92
N SER E 198 -26.58 13.32 -9.64
CA SER E 198 -26.39 14.14 -10.89
C SER E 198 -25.54 15.37 -10.59
N ALA E 199 -25.72 15.96 -9.39
CA ALA E 199 -25.02 17.19 -8.93
C ALA E 199 -23.54 16.89 -8.67
N LEU E 200 -23.20 15.67 -8.23
CA LEU E 200 -21.80 15.28 -7.87
C LEU E 200 -20.90 15.38 -9.12
N GLY E 201 -21.44 15.02 -10.30
CA GLY E 201 -20.69 15.00 -11.57
C GLY E 201 -20.10 13.63 -11.83
N GLN E 202 -20.25 12.68 -10.90
CA GLN E 202 -19.87 11.25 -11.10
C GLN E 202 -20.85 10.65 -12.11
N PRO E 203 -20.39 9.90 -13.13
CA PRO E 203 -21.28 9.50 -14.22
C PRO E 203 -22.43 8.55 -13.86
N ILE E 204 -23.57 8.73 -14.52
CA ILE E 204 -24.68 7.72 -14.55
C ILE E 204 -24.51 6.88 -15.81
N TYR E 205 -24.52 5.55 -15.66
CA TYR E 205 -24.45 4.57 -16.78
C TYR E 205 -25.85 4.07 -17.12
N ARG E 206 -26.16 3.90 -18.41
CA ARG E 206 -27.52 3.48 -18.82
C ARG E 206 -27.44 2.51 -20.00
N ALA E 207 -28.23 1.43 -19.92
CA ALA E 207 -28.31 0.41 -20.99
C ALA E 207 -29.76 0.08 -21.30
N GLU E 208 -30.06 -0.12 -22.56
CA GLU E 208 -31.30 -0.81 -22.97
C GLU E 208 -30.87 -2.08 -23.70
N VAL E 209 -31.36 -3.23 -23.24
CA VAL E 209 -31.10 -4.54 -23.89
C VAL E 209 -32.43 -5.23 -24.20
N GLU E 210 -32.47 -5.97 -25.31
CA GLU E 210 -33.67 -6.73 -25.69
C GLU E 210 -33.29 -8.15 -26.11
N TRP E 211 -34.31 -8.97 -26.29
CA TRP E 211 -34.16 -10.39 -26.70
C TRP E 211 -34.04 -10.43 -28.22
N ARG E 212 -33.29 -11.38 -28.76
CA ARG E 212 -33.08 -11.50 -30.22
C ARG E 212 -34.08 -12.49 -30.81
N THR E 213 -34.75 -12.08 -31.90
CA THR E 213 -35.70 -12.93 -32.66
C THR E 213 -34.91 -13.62 -33.78
N ALA F 9 6.88 5.91 -50.77
CA ALA F 9 8.27 5.82 -51.25
C ALA F 9 9.14 6.69 -50.32
N ASP F 10 9.84 6.00 -49.42
CA ASP F 10 10.99 6.51 -48.62
C ASP F 10 12.08 5.44 -48.64
N ASP F 11 13.34 5.87 -48.68
CA ASP F 11 14.50 4.96 -48.71
C ASP F 11 14.57 4.22 -47.38
N PHE F 12 14.20 4.89 -46.29
CA PHE F 12 14.28 4.33 -44.91
C PHE F 12 13.56 2.98 -44.90
N LEU F 13 12.32 2.95 -45.41
CA LEU F 13 11.44 1.74 -45.41
C LEU F 13 12.02 0.70 -46.36
N ALA F 14 12.61 1.13 -47.48
CA ALA F 14 13.20 0.18 -48.46
C ALA F 14 14.41 -0.51 -47.83
N GLU F 15 15.19 0.21 -47.03
CA GLU F 15 16.41 -0.29 -46.35
C GLU F 15 16.03 -1.23 -45.20
N ASN F 16 14.86 -1.04 -44.58
CA ASN F 16 14.41 -1.87 -43.43
C ASN F 16 13.23 -2.76 -43.86
N ALA F 17 13.33 -3.37 -45.03
CA ALA F 17 12.26 -4.19 -45.61
C ALA F 17 12.15 -5.53 -44.87
N ASP F 18 13.06 -5.84 -43.95
CA ASP F 18 12.97 -7.05 -43.07
C ASP F 18 11.91 -6.83 -41.98
N ILE F 19 11.69 -5.58 -41.56
CA ILE F 19 10.62 -5.20 -40.60
C ILE F 19 9.36 -4.76 -41.36
N ALA F 20 9.50 -3.78 -42.25
CA ALA F 20 8.38 -3.22 -43.04
C ALA F 20 8.24 -4.04 -44.31
N ILE F 21 7.53 -5.17 -44.22
CA ILE F 21 7.33 -6.11 -45.36
C ILE F 21 6.63 -5.35 -46.48
N SER F 22 7.28 -5.21 -47.63
CA SER F 22 6.74 -4.45 -48.77
C SER F 22 5.83 -5.35 -49.61
N ASN F 23 5.94 -6.67 -49.50
CA ASN F 23 5.17 -7.63 -50.33
C ASN F 23 4.32 -8.55 -49.46
N PRO F 24 3.48 -8.07 -48.52
CA PRO F 24 2.90 -8.96 -47.51
C PRO F 24 2.01 -10.05 -48.12
N ALA F 25 1.37 -9.74 -49.24
CA ALA F 25 0.42 -10.64 -49.92
C ALA F 25 1.14 -11.93 -50.33
N ASP F 26 2.45 -11.88 -50.58
CA ASP F 26 3.20 -13.12 -50.95
C ASP F 26 3.15 -14.13 -49.82
N TYR F 27 2.92 -13.70 -48.57
CA TYR F 27 3.09 -14.61 -47.40
C TYR F 27 1.73 -15.07 -46.87
N LYS F 28 0.64 -14.77 -47.58
CA LYS F 28 -0.70 -15.24 -47.17
C LYS F 28 -0.66 -16.76 -46.94
N GLY F 29 -1.07 -17.22 -45.76
CA GLY F 29 -1.09 -18.66 -45.41
C GLY F 29 0.30 -19.22 -45.08
N LYS F 30 1.36 -18.42 -45.18
CA LYS F 30 2.77 -18.85 -44.89
C LYS F 30 3.44 -17.94 -43.85
N TRP F 31 2.69 -17.20 -43.04
CA TRP F 31 3.28 -16.19 -42.12
C TRP F 31 4.15 -16.87 -41.06
N ASN F 32 3.87 -18.14 -40.72
CA ASN F 32 4.70 -18.88 -39.75
C ASN F 32 6.14 -18.95 -40.28
N THR F 33 6.31 -19.06 -41.59
CA THR F 33 7.66 -19.16 -42.22
C THR F 33 8.33 -17.78 -42.15
N VAL F 34 7.55 -16.71 -42.04
CA VAL F 34 8.15 -15.35 -41.91
C VAL F 34 8.74 -15.22 -40.51
N PHE F 35 8.06 -15.70 -39.48
CA PHE F 35 8.50 -15.56 -38.07
C PHE F 35 9.47 -16.68 -37.72
N GLY F 36 9.41 -17.78 -38.43
CA GLY F 36 10.23 -18.96 -38.11
C GLY F 36 9.66 -19.78 -36.96
N ASN F 37 8.37 -19.63 -36.66
CA ASN F 37 7.75 -20.40 -35.56
C ASN F 37 6.23 -20.47 -35.79
N ASP F 38 5.54 -21.30 -35.02
CA ASP F 38 4.07 -21.47 -35.07
C ASP F 38 3.38 -20.75 -33.91
N ASN F 39 4.04 -19.79 -33.27
CA ASN F 39 3.38 -18.97 -32.23
C ASN F 39 2.18 -18.22 -32.80
N PRO F 40 1.16 -17.91 -31.97
CA PRO F 40 0.01 -17.18 -32.46
C PRO F 40 0.45 -15.81 -33.02
N ILE F 41 -0.22 -15.38 -34.07
CA ILE F 41 -0.04 -14.02 -34.63
C ILE F 41 -1.17 -13.14 -34.10
N HIS F 42 -0.80 -12.04 -33.43
CA HIS F 42 -1.74 -10.93 -33.08
C HIS F 42 -1.41 -9.70 -33.91
N ILE F 43 -2.42 -8.97 -34.36
CA ILE F 43 -2.20 -7.79 -35.22
C ILE F 43 -2.76 -6.58 -34.47
N GLU F 44 -2.23 -5.42 -34.82
CA GLU F 44 -2.78 -4.14 -34.39
C GLU F 44 -3.10 -3.37 -35.67
N VAL F 45 -4.37 -3.04 -35.83
CA VAL F 45 -4.88 -2.17 -36.92
C VAL F 45 -4.77 -0.73 -36.42
N GLY F 46 -3.84 0.04 -36.99
CA GLY F 46 -3.60 1.44 -36.60
C GLY F 46 -2.46 1.54 -35.59
N THR F 47 -1.29 1.08 -35.99
CA THR F 47 -0.06 1.07 -35.15
C THR F 47 0.27 2.49 -34.66
N GLY F 48 0.03 3.51 -35.47
CA GLY F 48 0.53 4.87 -35.18
C GLY F 48 2.05 4.87 -35.09
N LYS F 49 2.62 5.55 -34.09
CA LYS F 49 4.10 5.69 -33.95
C LYS F 49 4.75 4.44 -33.37
N GLY F 50 4.00 3.43 -32.92
CA GLY F 50 4.57 2.09 -32.70
C GLY F 50 4.94 1.75 -31.27
N GLN F 51 4.68 2.63 -30.29
CA GLN F 51 5.03 2.33 -28.88
C GLN F 51 4.28 1.08 -28.38
N PHE F 52 2.98 1.00 -28.68
CA PHE F 52 2.12 -0.10 -28.19
C PHE F 52 2.67 -1.44 -28.71
N ILE F 53 2.88 -1.56 -30.01
CA ILE F 53 3.18 -2.92 -30.57
C ILE F 53 4.61 -3.33 -30.19
N SER F 54 5.51 -2.34 -30.12
CA SER F 54 6.91 -2.53 -29.63
C SER F 54 6.86 -3.02 -28.17
N GLY F 55 6.08 -2.36 -27.32
CA GLY F 55 5.93 -2.75 -25.90
C GLY F 55 5.38 -4.16 -25.72
N MET F 56 4.37 -4.52 -26.52
CA MET F 56 3.71 -5.84 -26.49
C MET F 56 4.68 -6.92 -27.00
N ALA F 57 5.48 -6.56 -28.00
CA ALA F 57 6.48 -7.47 -28.63
C ALA F 57 7.53 -7.86 -27.57
N LYS F 58 7.99 -6.91 -26.77
CA LYS F 58 9.00 -7.16 -25.70
C LYS F 58 8.34 -7.89 -24.55
N GLN F 59 7.09 -7.56 -24.21
CA GLN F 59 6.42 -8.17 -23.05
C GLN F 59 6.12 -9.62 -23.35
N ASN F 60 5.75 -9.94 -24.60
CA ASN F 60 5.26 -11.29 -24.98
C ASN F 60 6.08 -11.84 -26.14
N PRO F 61 7.31 -12.33 -25.88
CA PRO F 61 8.18 -12.81 -26.96
C PRO F 61 7.64 -14.09 -27.62
N ASP F 62 6.69 -14.77 -26.97
CA ASP F 62 6.09 -16.02 -27.55
C ASP F 62 4.83 -15.71 -28.37
N ILE F 63 4.60 -14.43 -28.67
CA ILE F 63 3.53 -13.97 -29.61
C ILE F 63 4.24 -13.30 -30.78
N ASN F 64 3.75 -13.51 -32.00
CA ASN F 64 4.21 -12.77 -33.19
C ASN F 64 3.24 -11.60 -33.39
N TYR F 65 3.77 -10.42 -33.66
CA TYR F 65 2.95 -9.20 -33.82
C TYR F 65 3.13 -8.68 -35.23
N ILE F 66 2.01 -8.37 -35.89
CA ILE F 66 2.06 -7.60 -37.18
C ILE F 66 1.23 -6.34 -36.97
N GLY F 67 1.90 -5.20 -37.02
CA GLY F 67 1.25 -3.87 -37.00
C GLY F 67 0.83 -3.41 -38.40
N ILE F 68 -0.34 -2.80 -38.49
CA ILE F 68 -0.89 -2.26 -39.76
C ILE F 68 -0.99 -0.74 -39.62
N GLU F 69 -0.39 0.01 -40.54
CA GLU F 69 -0.46 1.48 -40.45
C GLU F 69 -0.46 2.07 -41.86
N LEU F 70 -1.51 2.80 -42.22
CA LEU F 70 -1.70 3.33 -43.59
C LEU F 70 -0.76 4.52 -43.74
N PHE F 71 -0.67 5.36 -42.70
CA PHE F 71 0.05 6.64 -42.69
C PHE F 71 1.56 6.37 -42.78
N LYS F 72 2.12 6.43 -43.99
CA LYS F 72 3.55 6.09 -44.20
C LYS F 72 4.42 6.98 -43.31
N SER F 73 4.11 8.27 -43.16
CA SER F 73 4.98 9.18 -42.37
C SER F 73 5.04 8.67 -40.92
N VAL F 74 3.97 8.08 -40.41
CA VAL F 74 3.99 7.62 -38.99
C VAL F 74 4.60 6.21 -38.95
N ILE F 75 4.40 5.38 -39.97
CA ILE F 75 4.94 3.98 -39.90
C ILE F 75 6.47 4.03 -39.89
N VAL F 76 7.09 5.06 -40.48
CA VAL F 76 8.56 5.24 -40.46
C VAL F 76 9.02 5.25 -38.99
N THR F 77 8.34 6.01 -38.14
CA THR F 77 8.62 6.07 -36.69
C THR F 77 8.41 4.69 -36.06
N ALA F 78 7.37 3.96 -36.45
CA ALA F 78 7.04 2.63 -35.88
C ALA F 78 8.20 1.68 -36.19
N VAL F 79 8.75 1.79 -37.40
CA VAL F 79 9.87 0.90 -37.83
C VAL F 79 11.07 1.22 -36.93
N GLN F 80 11.33 2.49 -36.68
CA GLN F 80 12.46 2.91 -35.79
C GLN F 80 12.22 2.38 -34.37
N LYS F 81 10.99 2.44 -33.83
CA LYS F 81 10.74 1.94 -32.45
C LYS F 81 10.88 0.42 -32.40
N VAL F 82 10.48 -0.27 -33.46
CA VAL F 82 10.64 -1.75 -33.56
C VAL F 82 12.13 -2.05 -33.60
N LYS F 83 12.92 -1.21 -34.28
CA LYS F 83 14.39 -1.40 -34.34
C LYS F 83 15.02 -1.09 -32.97
N ASP F 84 14.64 0.02 -32.34
CA ASP F 84 15.18 0.48 -31.03
C ASP F 84 14.93 -0.63 -30.00
N SER F 85 13.70 -1.14 -29.90
CA SER F 85 13.46 -2.41 -29.19
C SER F 85 14.20 -3.45 -30.02
N GLU F 86 14.66 -4.55 -29.46
CA GLU F 86 15.43 -5.50 -30.30
C GLU F 86 14.55 -6.71 -30.59
N ALA F 87 13.26 -6.49 -30.71
CA ALA F 87 12.24 -7.55 -30.83
C ALA F 87 12.30 -8.16 -32.24
N GLN F 88 12.31 -9.49 -32.31
CA GLN F 88 12.38 -10.23 -33.59
C GLN F 88 10.97 -10.72 -33.98
N ASN F 89 9.96 -10.43 -33.17
CA ASN F 89 8.60 -11.01 -33.27
C ASN F 89 7.62 -9.90 -33.66
N VAL F 90 8.05 -8.95 -34.50
CA VAL F 90 7.23 -7.78 -34.93
C VAL F 90 7.51 -7.45 -36.40
N LYS F 91 6.47 -7.38 -37.22
CA LYS F 91 6.56 -6.86 -38.61
C LYS F 91 5.54 -5.75 -38.74
N LEU F 92 5.73 -4.88 -39.73
CA LEU F 92 4.87 -3.71 -39.99
C LEU F 92 4.46 -3.68 -41.46
N LEU F 93 3.15 -3.57 -41.71
CA LEU F 93 2.56 -3.57 -43.06
C LEU F 93 1.94 -2.20 -43.32
N ASN F 94 2.41 -1.53 -44.38
CA ASN F 94 1.89 -0.21 -44.81
C ASN F 94 0.65 -0.44 -45.68
N ILE F 95 -0.46 -0.84 -45.07
CA ILE F 95 -1.72 -1.22 -45.77
C ILE F 95 -2.90 -0.76 -44.91
N ASP F 96 -4.11 -0.81 -45.48
CA ASP F 96 -5.36 -0.47 -44.75
C ASP F 96 -6.06 -1.76 -44.30
N ALA F 97 -7.13 -1.62 -43.52
CA ALA F 97 -7.79 -2.81 -42.94
C ALA F 97 -8.42 -3.68 -44.04
N ASP F 98 -8.83 -3.10 -45.18
CA ASP F 98 -9.52 -3.84 -46.28
C ASP F 98 -8.55 -4.84 -46.91
N THR F 99 -7.26 -4.52 -46.94
CA THR F 99 -6.20 -5.39 -47.52
C THR F 99 -5.92 -6.61 -46.62
N LEU F 100 -6.40 -6.64 -45.38
CA LEU F 100 -6.05 -7.76 -44.46
C LEU F 100 -6.37 -9.10 -45.13
N THR F 101 -7.45 -9.18 -45.88
CA THR F 101 -7.88 -10.48 -46.49
C THR F 101 -6.96 -10.84 -47.65
N ASP F 102 -6.17 -9.90 -48.19
CA ASP F 102 -5.16 -10.21 -49.22
C ASP F 102 -3.91 -10.79 -48.56
N VAL F 103 -3.76 -10.63 -47.26
CA VAL F 103 -2.46 -10.89 -46.55
C VAL F 103 -2.59 -12.12 -45.66
N PHE F 104 -3.78 -12.42 -45.14
CA PHE F 104 -3.95 -13.50 -44.15
C PHE F 104 -5.10 -14.44 -44.54
N GLU F 105 -4.87 -15.73 -44.35
CA GLU F 105 -5.91 -16.78 -44.48
C GLU F 105 -6.77 -16.81 -43.21
N PRO F 106 -8.02 -17.35 -43.29
CA PRO F 106 -8.83 -17.53 -42.10
C PRO F 106 -8.07 -18.39 -41.08
N GLY F 107 -8.02 -17.91 -39.83
CA GLY F 107 -7.35 -18.62 -38.71
C GLY F 107 -5.88 -18.24 -38.59
N GLU F 108 -5.32 -17.48 -39.52
CA GLU F 108 -3.88 -17.11 -39.47
C GLU F 108 -3.67 -16.07 -38.37
N VAL F 109 -4.69 -15.27 -38.08
CA VAL F 109 -4.62 -14.21 -37.04
C VAL F 109 -5.46 -14.68 -35.85
N LYS F 110 -4.97 -14.46 -34.64
CA LYS F 110 -5.66 -14.95 -33.41
C LYS F 110 -6.29 -13.79 -32.65
N ARG F 111 -5.94 -12.55 -32.95
CA ARG F 111 -6.45 -11.41 -32.17
C ARG F 111 -6.22 -10.12 -32.98
N VAL F 112 -7.11 -9.17 -32.82
CA VAL F 112 -7.02 -7.82 -33.44
C VAL F 112 -6.99 -6.83 -32.29
N TYR F 113 -5.97 -5.98 -32.26
CA TYR F 113 -5.85 -4.85 -31.32
C TYR F 113 -6.31 -3.60 -32.06
N LEU F 114 -7.24 -2.86 -31.44
CA LEU F 114 -7.67 -1.53 -31.93
C LEU F 114 -7.40 -0.53 -30.81
N ASN F 115 -6.63 0.51 -31.09
CA ASN F 115 -6.19 1.49 -30.06
C ASN F 115 -6.46 2.89 -30.59
N PHE F 116 -7.40 3.58 -29.95
CA PHE F 116 -7.72 5.00 -30.20
C PHE F 116 -7.97 5.19 -31.69
N SER F 117 -8.75 4.31 -32.31
CA SER F 117 -9.22 4.42 -33.71
C SER F 117 -10.00 5.73 -33.90
N ASP F 118 -9.92 6.30 -35.10
CA ASP F 118 -10.66 7.53 -35.50
C ASP F 118 -12.13 7.32 -35.18
N PRO F 119 -12.78 8.22 -34.39
CA PRO F 119 -14.15 8.03 -33.95
C PRO F 119 -15.21 8.26 -35.06
N TRP F 120 -14.87 9.05 -36.09
CA TRP F 120 -15.78 9.37 -37.22
C TRP F 120 -17.19 9.60 -36.67
N PRO F 121 -17.39 10.62 -35.80
CA PRO F 121 -18.65 10.76 -35.06
C PRO F 121 -19.86 11.11 -35.93
N LYS F 122 -19.68 11.73 -37.10
CA LYS F 122 -20.82 12.04 -37.99
C LYS F 122 -21.52 10.75 -38.49
N LYS F 123 -22.84 10.79 -38.57
CA LYS F 123 -23.70 9.64 -38.94
C LYS F 123 -23.32 9.13 -40.33
N ARG F 124 -23.09 10.03 -41.27
CA ARG F 124 -22.75 9.65 -42.67
C ARG F 124 -21.35 9.02 -42.78
N HIS F 125 -20.52 9.07 -41.72
CA HIS F 125 -19.16 8.44 -41.68
C HIS F 125 -19.13 7.13 -40.85
N GLU F 126 -20.27 6.65 -40.34
CA GLU F 126 -20.32 5.38 -39.57
C GLU F 126 -19.50 4.27 -40.25
N LYS F 127 -19.62 4.12 -41.57
CA LYS F 127 -19.01 3.01 -42.35
C LYS F 127 -17.46 3.09 -42.31
N ARG F 128 -16.89 4.22 -41.87
CA ARG F 128 -15.42 4.45 -41.79
C ARG F 128 -14.87 4.02 -40.43
N ARG F 129 -15.73 3.83 -39.42
CA ARG F 129 -15.30 3.38 -38.08
C ARG F 129 -14.76 1.96 -38.18
N LEU F 130 -13.66 1.69 -37.47
CA LEU F 130 -12.96 0.38 -37.52
C LEU F 130 -13.72 -0.67 -36.72
N THR F 131 -14.81 -0.32 -36.04
CA THR F 131 -15.68 -1.26 -35.31
C THR F 131 -17.02 -1.47 -36.03
N TYR F 132 -17.22 -0.82 -37.19
CA TYR F 132 -18.39 -1.02 -38.07
C TYR F 132 -18.41 -2.46 -38.62
N SER F 133 -19.61 -3.00 -38.83
CA SER F 133 -19.85 -4.41 -39.23
C SER F 133 -18.94 -4.83 -40.40
N HIS F 134 -18.68 -3.96 -41.37
CA HIS F 134 -17.84 -4.35 -42.53
C HIS F 134 -16.44 -4.76 -42.04
N PHE F 135 -15.90 -4.05 -41.06
CA PHE F 135 -14.52 -4.31 -40.59
C PHE F 135 -14.55 -5.52 -39.65
N LEU F 136 -15.62 -5.64 -38.89
CA LEU F 136 -15.79 -6.86 -38.05
C LEU F 136 -15.71 -8.10 -38.94
N LYS F 137 -16.35 -8.03 -40.11
CA LYS F 137 -16.35 -9.15 -41.10
C LYS F 137 -14.92 -9.39 -41.64
N LYS F 138 -14.19 -8.32 -41.92
CA LYS F 138 -12.79 -8.41 -42.36
C LYS F 138 -11.95 -9.11 -41.28
N TYR F 139 -12.16 -8.77 -40.01
CA TYR F 139 -11.44 -9.39 -38.88
C TYR F 139 -11.84 -10.87 -38.78
N GLU F 140 -13.11 -11.17 -39.05
CA GLU F 140 -13.60 -12.58 -39.00
C GLU F 140 -12.90 -13.38 -40.11
N GLU F 141 -12.68 -12.77 -41.26
CA GLU F 141 -12.18 -13.52 -42.45
C GLU F 141 -10.70 -13.83 -42.25
N VAL F 142 -10.01 -13.14 -41.33
CA VAL F 142 -8.59 -13.46 -41.06
C VAL F 142 -8.44 -14.21 -39.73
N MET F 143 -9.45 -14.22 -38.86
CA MET F 143 -9.36 -14.94 -37.57
C MET F 143 -10.17 -16.25 -37.57
N GLY F 144 -11.04 -16.46 -38.54
CA GLY F 144 -11.94 -17.64 -38.53
C GLY F 144 -12.71 -17.73 -37.21
N LYS F 145 -12.54 -18.85 -36.51
CA LYS F 145 -13.29 -19.20 -35.28
C LYS F 145 -12.57 -18.65 -34.04
N GLY F 146 -13.35 -18.15 -33.07
CA GLY F 146 -12.86 -17.90 -31.71
C GLY F 146 -11.72 -16.88 -31.63
N GLY F 147 -11.56 -16.00 -32.62
CA GLY F 147 -10.64 -14.86 -32.47
C GLY F 147 -11.19 -13.85 -31.45
N SER F 148 -10.43 -12.81 -31.15
CA SER F 148 -10.90 -11.72 -30.26
C SER F 148 -10.49 -10.36 -30.80
N ILE F 149 -11.16 -9.33 -30.31
CA ILE F 149 -10.81 -7.90 -30.53
C ILE F 149 -10.60 -7.29 -29.16
N HIS F 150 -9.44 -6.67 -28.98
CA HIS F 150 -9.07 -5.92 -27.76
C HIS F 150 -9.06 -4.46 -28.14
N PHE F 151 -9.93 -3.67 -27.51
CA PHE F 151 -10.24 -2.30 -27.97
C PHE F 151 -10.02 -1.32 -26.83
N LYS F 152 -9.30 -0.23 -27.11
CA LYS F 152 -9.13 0.88 -26.17
C LYS F 152 -9.35 2.17 -26.92
N THR F 153 -9.97 3.12 -26.24
CA THR F 153 -10.25 4.47 -26.76
C THR F 153 -10.57 5.37 -25.58
N ASP F 154 -10.34 6.66 -25.77
CA ASP F 154 -10.82 7.69 -24.81
C ASP F 154 -12.16 8.24 -25.29
N ASN F 155 -12.60 7.91 -26.50
CA ASN F 155 -13.77 8.60 -27.12
C ASN F 155 -15.05 7.93 -26.62
N ARG F 156 -15.80 8.59 -25.73
CA ARG F 156 -17.03 8.00 -25.19
C ARG F 156 -18.02 7.60 -26.31
N GLY F 157 -18.25 8.47 -27.28
CA GLY F 157 -19.22 8.20 -28.37
C GLY F 157 -18.80 6.98 -29.20
N LEU F 158 -17.51 6.83 -29.47
CA LEU F 158 -17.02 5.69 -30.27
C LEU F 158 -17.14 4.41 -29.45
N PHE F 159 -16.86 4.47 -28.15
CA PHE F 159 -16.92 3.27 -27.31
C PHE F 159 -18.37 2.82 -27.20
N GLU F 160 -19.31 3.75 -27.03
CA GLU F 160 -20.75 3.39 -26.93
C GLU F 160 -21.18 2.72 -28.24
N TYR F 161 -20.86 3.35 -29.37
CA TYR F 161 -21.18 2.83 -30.72
C TYR F 161 -20.62 1.41 -30.92
N SER F 162 -19.39 1.17 -30.45
CA SER F 162 -18.67 -0.11 -30.64
C SER F 162 -19.35 -1.21 -29.79
N LEU F 163 -19.70 -0.92 -28.55
CA LEU F 163 -20.42 -1.91 -27.70
C LEU F 163 -21.66 -2.38 -28.47
N LYS F 164 -22.43 -1.44 -29.04
CA LYS F 164 -23.68 -1.78 -29.80
C LYS F 164 -23.32 -2.51 -31.10
N SER F 165 -22.30 -2.05 -31.81
CA SER F 165 -21.89 -2.67 -33.09
C SER F 165 -21.48 -4.11 -32.81
N PHE F 166 -20.63 -4.32 -31.79
CA PHE F 166 -20.17 -5.66 -31.35
C PHE F 166 -21.38 -6.53 -30.98
N SER F 167 -22.34 -5.97 -30.24
CA SER F 167 -23.53 -6.71 -29.75
C SER F 167 -24.38 -7.11 -30.96
N GLU F 168 -24.61 -6.17 -31.88
CA GLU F 168 -25.42 -6.40 -33.10
C GLU F 168 -24.76 -7.51 -33.95
N TYR F 169 -23.42 -7.58 -33.98
CA TYR F 169 -22.70 -8.56 -34.82
C TYR F 169 -22.73 -9.95 -34.17
N GLY F 170 -23.05 -10.04 -32.89
CA GLY F 170 -23.20 -11.30 -32.14
C GLY F 170 -21.93 -11.65 -31.36
N LEU F 171 -21.06 -10.68 -31.09
CA LEU F 171 -19.80 -10.96 -30.33
C LEU F 171 -20.09 -11.06 -28.83
N LEU F 172 -19.28 -11.82 -28.10
CA LEU F 172 -19.38 -12.03 -26.65
C LEU F 172 -18.42 -11.06 -25.97
N LEU F 173 -18.96 -10.17 -25.14
CA LEU F 173 -18.18 -9.23 -24.31
C LEU F 173 -17.69 -9.96 -23.06
N THR F 174 -16.38 -10.22 -22.98
CA THR F 174 -15.74 -10.97 -21.87
C THR F 174 -15.01 -10.00 -20.95
N TYR F 175 -14.68 -8.79 -21.39
CA TYR F 175 -14.01 -7.78 -20.54
C TYR F 175 -14.52 -6.41 -20.92
N VAL F 176 -14.90 -5.62 -19.93
CA VAL F 176 -15.17 -4.17 -20.16
C VAL F 176 -14.68 -3.39 -18.95
N SER F 177 -13.90 -2.34 -19.20
CA SER F 177 -13.55 -1.31 -18.20
C SER F 177 -13.98 0.06 -18.70
N LEU F 178 -14.69 0.79 -17.86
CA LEU F 178 -15.16 2.16 -18.14
C LEU F 178 -14.24 3.19 -17.48
N ASP F 179 -13.10 2.73 -16.97
CA ASP F 179 -12.04 3.60 -16.36
C ASP F 179 -10.73 2.81 -16.21
N LEU F 180 -10.05 2.55 -17.33
CA LEU F 180 -8.97 1.53 -17.38
C LEU F 180 -7.88 1.86 -16.35
N HIS F 181 -7.53 3.14 -16.24
CA HIS F 181 -6.35 3.59 -15.46
C HIS F 181 -6.62 3.47 -13.97
N ASN F 182 -7.90 3.26 -13.58
CA ASN F 182 -8.30 2.97 -12.18
C ASN F 182 -8.78 1.53 -12.04
N SER F 183 -8.40 0.64 -12.95
CA SER F 183 -8.95 -0.74 -13.00
C SER F 183 -7.84 -1.78 -12.91
N ASN F 184 -6.59 -1.35 -12.76
CA ASN F 184 -5.44 -2.25 -12.50
C ASN F 184 -5.44 -3.38 -13.54
N LEU F 185 -5.25 -3.07 -14.82
CA LEU F 185 -4.99 -4.12 -15.84
C LEU F 185 -3.48 -4.36 -15.83
N GLU F 186 -3.03 -5.44 -15.19
CA GLU F 186 -1.59 -5.72 -15.06
C GLU F 186 -1.03 -5.94 -16.47
N GLY F 187 0.13 -5.37 -16.78
CA GLY F 187 0.78 -5.53 -18.10
C GLY F 187 0.13 -4.65 -19.18
N ASN F 188 -0.75 -3.71 -18.82
CA ASN F 188 -1.31 -2.74 -19.79
C ASN F 188 -0.17 -1.98 -20.47
N ILE F 189 -0.03 -2.12 -21.78
CA ILE F 189 0.94 -1.34 -22.58
C ILE F 189 0.22 -0.13 -23.19
N MET F 190 0.69 1.07 -22.85
CA MET F 190 0.04 2.33 -23.26
C MET F 190 0.53 2.72 -24.66
N THR F 191 -0.35 3.26 -25.50
CA THR F 191 0.07 4.02 -26.69
C THR F 191 0.64 5.38 -26.25
N GLU F 192 1.31 6.06 -27.15
CA GLU F 192 1.86 7.44 -26.96
C GLU F 192 0.72 8.34 -26.49
N TYR F 193 -0.39 8.33 -27.22
CA TYR F 193 -1.56 9.18 -26.90
C TYR F 193 -2.07 8.82 -25.49
N GLU F 194 -2.23 7.52 -25.22
CA GLU F 194 -2.74 7.02 -23.92
C GLU F 194 -1.85 7.51 -22.78
N GLU F 195 -0.53 7.56 -23.00
CA GLU F 195 0.43 8.03 -21.96
C GLU F 195 0.04 9.43 -21.47
N LYS F 196 -0.46 10.30 -22.36
CA LYS F 196 -0.77 11.73 -22.07
C LYS F 196 -2.07 11.85 -21.25
N PHE F 197 -2.71 10.74 -20.93
CA PHE F 197 -3.87 10.69 -19.99
C PHE F 197 -3.36 10.39 -18.58
N SER F 198 -4.19 10.69 -17.57
CA SER F 198 -3.88 10.52 -16.13
C SER F 198 -4.95 9.64 -15.45
N ALA F 199 -4.64 9.06 -14.29
CA ALA F 199 -5.58 8.22 -13.49
C ALA F 199 -6.74 9.07 -12.96
N LEU F 200 -6.47 10.32 -12.57
CA LEU F 200 -7.50 11.28 -12.11
C LEU F 200 -8.12 12.03 -13.30
N GLY F 201 -7.52 11.93 -14.49
CA GLY F 201 -7.95 12.63 -15.73
C GLY F 201 -9.12 11.92 -16.40
N GLN F 202 -9.31 12.15 -17.70
CA GLN F 202 -10.44 11.62 -18.50
C GLN F 202 -10.34 10.10 -18.60
N PRO F 203 -11.45 9.34 -18.54
CA PRO F 203 -11.37 7.88 -18.50
C PRO F 203 -10.93 7.27 -19.84
N ILE F 204 -10.20 6.17 -19.75
CA ILE F 204 -9.89 5.29 -20.91
C ILE F 204 -10.84 4.09 -20.87
N TYR F 205 -11.50 3.83 -22.00
CA TYR F 205 -12.45 2.71 -22.11
C TYR F 205 -11.75 1.53 -22.74
N ARG F 206 -12.08 0.33 -22.30
CA ARG F 206 -11.47 -0.91 -22.79
C ARG F 206 -12.54 -2.00 -22.90
N ALA F 207 -12.47 -2.79 -23.98
CA ALA F 207 -13.32 -3.97 -24.17
C ALA F 207 -12.48 -5.06 -24.83
N GLU F 208 -12.75 -6.30 -24.42
CA GLU F 208 -12.36 -7.51 -25.18
C GLU F 208 -13.66 -8.18 -25.60
N VAL F 209 -13.81 -8.42 -26.90
CA VAL F 209 -14.95 -9.19 -27.46
C VAL F 209 -14.40 -10.38 -28.24
N GLU F 210 -15.12 -11.50 -28.23
CA GLU F 210 -14.73 -12.71 -28.99
C GLU F 210 -15.90 -13.28 -29.80
N TRP F 211 -15.55 -14.04 -30.82
CA TRP F 211 -16.50 -14.81 -31.65
C TRP F 211 -17.03 -15.98 -30.82
N ARG F 212 -18.31 -16.29 -30.94
CA ARG F 212 -18.97 -17.35 -30.14
C ARG F 212 -18.64 -18.71 -30.76
N THR F 213 -18.25 -19.67 -29.91
CA THR F 213 -17.94 -21.07 -30.29
C THR F 213 -18.77 -22.04 -29.41
NA NA G . -31.49 -2.64 0.37
C1 GOL H . 18.35 0.69 37.10
O1 GOL H . 18.83 1.92 37.63
C2 GOL H . 17.48 0.95 35.89
O2 GOL H . 17.05 2.32 35.89
C3 GOL H . 18.18 0.64 34.58
O3 GOL H . 18.70 -0.68 34.60
C1 GOL I . 16.01 5.03 -2.85
O1 GOL I . 17.32 5.41 -2.44
C2 GOL I . 16.08 3.73 -3.62
O2 GOL I . 14.77 3.25 -3.92
C3 GOL I . 16.87 3.89 -4.90
O3 GOL I . 17.28 2.65 -5.47
C1 GOL J . 35.41 17.34 -16.48
O1 GOL J . 35.99 18.43 -15.79
C2 GOL J . 34.63 16.38 -15.60
O2 GOL J . 34.15 17.02 -14.42
C3 GOL J . 33.46 15.76 -16.31
O3 GOL J . 32.99 14.58 -15.67
C1 GOL K . 18.15 15.74 -26.72
O1 GOL K . 18.47 14.36 -26.87
C2 GOL K . 19.07 16.41 -25.74
O2 GOL K . 19.20 15.61 -24.57
C3 GOL K . 20.43 16.70 -26.34
O3 GOL K . 20.34 17.67 -27.38
C1 GOL L . -30.98 -6.84 -3.45
O1 GOL L . -30.62 -6.29 -2.19
C2 GOL L . -31.27 -8.32 -3.36
O2 GOL L . -30.20 -9.01 -2.71
C3 GOL L . -31.57 -8.93 -4.72
O3 GOL L . -31.11 -10.27 -4.84
#